data_7VYQ
#
_entry.id   7VYQ
#
_cell.length_a   1.00
_cell.length_b   1.00
_cell.length_c   1.00
_cell.angle_alpha   90.00
_cell.angle_beta   90.00
_cell.angle_gamma   90.00
#
_symmetry.space_group_name_H-M   'P 1'
#
loop_
_entity.id
_entity.type
_entity.pdbx_description
1 polymer 'Carbonyl Reductase'
2 non-polymer 'NADP NICOTINAMIDE-ADENINE-DINUCLEOTIDE PHOSPHATE'
3 non-polymer 'ethyl 4-chloranyl-3-oxidanylidene-butanoate'
#
_entity_poly.entity_id   1
_entity_poly.type   'polypeptide(L)'
_entity_poly.pdbx_seq_one_letter_code
;SMGEIESYCNKELGPLPTKAPTLSKNVLDLFSLKGKVASVTGSSGGIGWAVAEAYAQAGADVAIWYNSHPADEKAEHLQK
TYGVHSKAYKCNISDPKSVEETISQQEKDFGTIDVFVANAGVTWTQGPEIDVDNYDSWNKIISVDLNGVYYCSHNIGKIF
KKNGKGSLIITSSISGKIVNIPQLQAPYNTAKAACTHLAKSLAIEWAPFARVNTISPGYIDTDITDFASKDMKAKWWQLT
PLGREGLTQELVGGYLYLASNASTFTTGSDVVIDGGYTCP
;
_entity_poly.pdbx_strand_id   A,B,F,G
#
# COMPACT_ATOMS: atom_id res chain seq x y z
N SER A 1 10.32 35.78 0.76
CA SER A 1 10.56 37.10 0.12
C SER A 1 10.84 36.95 -1.38
N MET A 2 12.07 36.58 -1.71
CA MET A 2 12.46 36.40 -3.10
C MET A 2 13.77 35.63 -3.14
N GLY A 3 13.83 34.61 -4.00
CA GLY A 3 15.01 33.80 -4.17
C GLY A 3 15.06 32.56 -3.31
N GLU A 4 14.25 32.50 -2.25
CA GLU A 4 14.21 31.35 -1.37
C GLU A 4 13.01 30.46 -1.71
N ILE A 5 13.12 29.19 -1.34
CA ILE A 5 12.08 28.20 -1.61
C ILE A 5 11.31 27.95 -0.33
N GLU A 6 9.99 27.84 -0.45
CA GLU A 6 9.11 27.58 0.68
C GLU A 6 8.41 26.24 0.47
N SER A 7 8.39 25.41 1.52
CA SER A 7 7.88 24.06 1.40
C SER A 7 6.39 24.07 1.11
N TYR A 8 5.95 23.03 0.38
CA TYR A 8 4.53 22.81 0.15
C TYR A 8 3.87 22.03 1.27
N CYS A 9 4.61 21.17 1.99
CA CYS A 9 4.02 20.35 3.04
C CYS A 9 3.83 21.16 4.32
N ASN A 10 4.93 21.66 4.89
CA ASN A 10 4.91 22.44 6.12
C ASN A 10 5.68 23.72 5.87
N LYS A 11 4.98 24.85 5.89
CA LYS A 11 5.60 26.15 5.61
C LYS A 11 6.52 26.62 6.71
N GLU A 12 6.53 25.97 7.88
CA GLU A 12 7.36 26.38 8.99
C GLU A 12 8.78 25.82 8.92
N LEU A 13 9.09 25.01 7.90
CA LEU A 13 10.43 24.47 7.77
C LEU A 13 11.45 25.58 7.54
N GLY A 14 11.03 26.70 6.96
CA GLY A 14 11.91 27.80 6.68
C GLY A 14 12.41 27.79 5.25
N PRO A 15 13.40 28.62 4.95
CA PRO A 15 13.94 28.65 3.58
C PRO A 15 14.68 27.37 3.23
N LEU A 16 14.11 26.57 2.33
CA LEU A 16 14.71 25.29 1.99
C LEU A 16 16.00 25.49 1.22
N PRO A 17 16.89 24.48 1.21
CA PRO A 17 16.80 23.20 1.92
C PRO A 17 17.20 23.32 3.39
N THR A 18 16.58 22.55 4.28
CA THR A 18 16.95 22.57 5.68
C THR A 18 18.32 21.93 5.86
N LYS A 19 19.14 22.53 6.72
CA LYS A 19 20.48 22.02 6.96
C LYS A 19 20.42 20.60 7.51
N ALA A 20 21.26 19.73 6.96
CA ALA A 20 21.30 18.34 7.42
C ALA A 20 21.96 18.25 8.79
N PRO A 21 21.57 17.27 9.60
CA PRO A 21 22.15 17.15 10.94
C PRO A 21 23.57 16.61 10.87
N THR A 22 24.31 16.83 11.96
CA THR A 22 25.68 16.35 12.10
C THR A 22 25.63 14.93 12.67
N LEU A 23 26.22 13.97 11.97
CA LEU A 23 26.18 12.57 12.33
C LEU A 23 27.59 12.04 12.55
N SER A 24 27.71 11.09 13.47
CA SER A 24 28.99 10.45 13.73
C SER A 24 29.51 9.76 12.47
N LYS A 25 30.78 9.37 12.52
CA LYS A 25 31.42 8.68 11.40
C LYS A 25 31.35 7.17 11.51
N ASN A 26 31.42 6.63 12.72
CA ASN A 26 31.29 5.19 12.94
C ASN A 26 29.81 4.81 13.00
N VAL A 27 29.44 3.76 12.28
CA VAL A 27 28.04 3.35 12.22
C VAL A 27 27.56 2.90 13.60
N LEU A 28 28.37 2.12 14.32
CA LEU A 28 27.94 1.59 15.61
C LEU A 28 27.73 2.67 16.65
N ASP A 29 28.34 3.84 16.49
CA ASP A 29 28.17 4.95 17.43
C ASP A 29 26.93 5.77 17.13
N LEU A 30 26.24 5.50 16.02
CA LEU A 30 24.99 6.18 15.70
C LEU A 30 23.82 5.65 16.51
N PHE A 31 23.83 4.36 16.84
CA PHE A 31 22.74 3.73 17.57
C PHE A 31 22.76 4.01 19.07
N SER A 32 23.80 4.65 19.57
CA SER A 32 23.93 4.94 21.00
C SER A 32 22.97 6.05 21.38
N LEU A 33 22.30 5.87 22.53
CA LEU A 33 21.35 6.85 23.06
C LEU A 33 21.91 7.57 24.28
N LYS A 34 23.23 7.65 24.40
CA LYS A 34 23.84 8.28 25.56
C LYS A 34 23.36 9.72 25.72
N GLY A 35 23.02 10.09 26.96
CA GLY A 35 22.54 11.42 27.23
C GLY A 35 21.19 11.74 26.62
N LYS A 36 20.29 10.76 26.57
CA LYS A 36 18.95 10.95 26.02
C LYS A 36 17.94 10.32 26.96
N VAL A 37 16.80 10.98 27.12
CA VAL A 37 15.69 10.45 27.91
C VAL A 37 14.68 9.82 26.98
N ALA A 38 14.24 8.61 27.29
CA ALA A 38 13.34 7.85 26.42
C ALA A 38 12.15 7.38 27.24
N SER A 39 11.04 8.11 27.13
CA SER A 39 9.81 7.74 27.83
C SER A 39 9.05 6.73 26.98
N VAL A 40 8.91 5.51 27.49
CA VAL A 40 8.25 4.41 26.78
C VAL A 40 6.92 4.16 27.46
N THR A 41 5.83 4.38 26.73
CA THR A 41 4.50 4.16 27.24
C THR A 41 4.20 2.66 27.31
N GLY A 42 3.47 2.26 28.35
CA GLY A 42 3.14 0.87 28.54
C GLY A 42 4.38 0.00 28.70
N SER A 43 5.33 0.46 29.50
CA SER A 43 6.61 -0.22 29.67
C SER A 43 6.55 -1.28 30.76
N SER A 44 5.36 -1.76 31.12
CA SER A 44 5.20 -2.83 32.11
C SER A 44 4.50 -4.04 31.50
N GLY A 45 4.68 -4.24 30.19
CA GLY A 45 4.06 -5.34 29.47
C GLY A 45 5.11 -6.23 28.84
N GLY A 46 4.80 -6.72 27.64
CA GLY A 46 5.69 -7.62 26.94
C GLY A 46 6.65 -6.88 26.02
N ILE A 47 6.12 -6.05 25.14
CA ILE A 47 6.96 -5.29 24.21
C ILE A 47 7.51 -4.03 24.84
N GLY A 48 6.75 -3.37 25.72
CA GLY A 48 7.21 -2.15 26.36
C GLY A 48 8.39 -2.38 27.27
N TRP A 49 8.36 -3.46 28.04
CA TRP A 49 9.47 -3.77 28.94
C TRP A 49 10.74 -4.09 28.17
N ALA A 50 10.64 -4.84 27.06
CA ALA A 50 11.82 -5.14 26.26
C ALA A 50 12.40 -3.88 25.65
N VAL A 51 11.55 -2.99 25.14
CA VAL A 51 12.04 -1.75 24.55
C VAL A 51 12.68 -0.87 25.61
N ALA A 52 12.10 -0.80 26.80
CA ALA A 52 12.68 0.00 27.86
C ALA A 52 14.06 -0.53 28.24
N GLU A 53 14.19 -1.84 28.39
CA GLU A 53 15.49 -2.43 28.71
C GLU A 53 16.50 -2.18 27.60
N ALA A 54 16.08 -2.34 26.34
CA ALA A 54 16.98 -2.09 25.23
C ALA A 54 17.44 -0.64 25.17
N TYR A 55 16.55 0.31 25.43
CA TYR A 55 16.94 1.71 25.51
C TYR A 55 17.87 1.98 26.69
N ALA A 56 17.63 1.34 27.84
CA ALA A 56 18.54 1.47 28.97
C ALA A 56 19.90 0.86 28.66
N GLN A 57 19.93 -0.27 27.95
CA GLN A 57 21.20 -0.88 27.58
C GLN A 57 22.01 0.03 26.68
N ALA A 58 21.35 0.92 25.94
CA ALA A 58 22.03 1.89 25.08
C ALA A 58 22.35 3.18 25.81
N GLY A 59 22.25 3.20 27.14
CA GLY A 59 22.53 4.38 27.92
C GLY A 59 21.50 5.47 27.75
N ALA A 60 20.27 5.21 28.20
CA ALA A 60 19.19 6.18 28.12
C ALA A 60 18.45 6.20 29.44
N ASP A 61 17.96 7.38 29.82
CA ASP A 61 17.16 7.53 31.05
C ASP A 61 15.72 7.20 30.70
N VAL A 62 15.38 5.92 30.82
CA VAL A 62 14.06 5.44 30.43
C VAL A 62 13.06 5.69 31.54
N ALA A 63 11.83 6.01 31.16
CA ALA A 63 10.74 6.26 32.09
C ALA A 63 9.69 5.15 31.91
N ILE A 64 9.37 4.46 33.00
CA ILE A 64 8.44 3.34 32.92
C ILE A 64 7.01 3.83 33.12
N TRP A 65 6.07 3.17 32.44
CA TRP A 65 4.65 3.47 32.54
C TRP A 65 3.90 2.22 32.93
N TYR A 66 2.86 2.38 33.75
CA TYR A 66 1.99 1.25 34.08
C TYR A 66 0.62 1.79 34.47
N ASN A 67 -0.39 0.91 34.39
CA ASN A 67 -1.76 1.28 34.71
C ASN A 67 -2.30 0.46 35.88
N SER A 68 -2.24 -0.86 35.77
CA SER A 68 -2.78 -1.75 36.78
C SER A 68 -1.80 -2.82 37.25
N HIS A 69 -0.71 -3.05 36.53
CA HIS A 69 0.34 -3.95 36.97
C HIS A 69 1.51 -3.12 37.49
N PRO A 70 1.60 -2.89 38.81
CA PRO A 70 2.65 -2.00 39.31
C PRO A 70 4.02 -2.47 38.87
N ALA A 71 4.81 -1.53 38.33
CA ALA A 71 6.16 -1.80 37.86
C ALA A 71 7.09 -0.76 38.48
N ASP A 72 7.52 -1.04 39.71
CA ASP A 72 8.56 -0.24 40.36
C ASP A 72 9.82 -1.04 40.62
N GLU A 73 9.73 -2.37 40.65
CA GLU A 73 10.92 -3.20 40.64
C GLU A 73 11.56 -3.26 39.26
N LYS A 74 10.78 -3.04 38.21
CA LYS A 74 11.33 -2.92 36.87
C LYS A 74 12.15 -1.64 36.72
N ALA A 75 11.63 -0.52 37.22
CA ALA A 75 12.35 0.75 37.13
C ALA A 75 13.64 0.69 37.93
N GLU A 76 13.60 0.13 39.14
CA GLU A 76 14.80 0.02 39.95
C GLU A 76 15.81 -0.93 39.33
N HIS A 77 15.34 -2.01 38.71
CA HIS A 77 16.24 -2.95 38.04
C HIS A 77 17.04 -2.30 36.91
N LEU A 78 16.49 -1.26 36.27
CA LEU A 78 17.22 -0.53 35.24
C LEU A 78 18.13 0.54 35.80
N GLN A 79 17.94 0.94 37.05
CA GLN A 79 18.76 1.95 37.70
C GLN A 79 19.94 1.37 38.46
N LYS A 80 20.04 0.04 38.54
CA LYS A 80 21.15 -0.62 39.22
C LYS A 80 21.91 -1.61 38.36
N THR A 81 21.35 -2.03 37.21
CA THR A 81 22.05 -2.92 36.30
C THR A 81 22.76 -2.18 35.18
N TYR A 82 22.33 -0.96 34.85
CA TYR A 82 22.95 -0.17 33.80
C TYR A 82 23.34 1.24 34.22
N GLY A 83 22.95 1.67 35.42
CA GLY A 83 23.31 3.01 35.87
C GLY A 83 22.67 4.12 35.08
N VAL A 84 21.39 4.00 34.75
CA VAL A 84 20.66 5.02 34.00
C VAL A 84 19.46 5.43 34.84
N HIS A 85 19.28 6.74 35.01
CA HIS A 85 18.15 7.25 35.78
C HIS A 85 16.83 6.76 35.18
N SER A 86 15.95 6.26 36.04
CA SER A 86 14.67 5.72 35.61
C SER A 86 13.64 5.92 36.71
N LYS A 87 12.37 5.86 36.33
CA LYS A 87 11.26 6.03 37.26
C LYS A 87 10.02 5.40 36.66
N ALA A 88 9.03 5.15 37.50
CA ALA A 88 7.78 4.51 37.11
C ALA A 88 6.61 5.44 37.40
N TYR A 89 5.70 5.55 36.44
CA TYR A 89 4.55 6.42 36.54
C TYR A 89 3.26 5.64 36.28
N LYS A 90 2.24 5.93 37.08
CA LYS A 90 0.92 5.30 36.95
C LYS A 90 0.01 6.29 36.24
N CYS A 91 -0.35 5.99 34.99
CA CYS A 91 -1.18 6.86 34.18
C CYS A 91 -2.22 6.03 33.45
N ASN A 92 -3.43 6.56 33.35
CA ASN A 92 -4.50 5.97 32.55
C ASN A 92 -4.47 6.64 31.19
N ILE A 93 -3.97 5.91 30.19
CA ILE A 93 -3.72 6.46 28.86
C ILE A 93 -5.03 6.98 28.26
N SER A 94 -6.16 6.42 28.69
CA SER A 94 -7.45 6.83 28.18
C SER A 94 -7.99 8.09 28.85
N ASP A 95 -7.27 8.64 29.83
CA ASP A 95 -7.69 9.85 30.52
C ASP A 95 -6.93 11.04 29.96
N PRO A 96 -7.58 11.98 29.27
CA PRO A 96 -6.83 13.09 28.68
C PRO A 96 -6.01 13.89 29.68
N LYS A 97 -6.55 14.12 30.88
CA LYS A 97 -5.84 14.94 31.86
C LYS A 97 -4.70 14.19 32.54
N SER A 98 -4.87 12.88 32.76
CA SER A 98 -3.81 12.11 33.41
C SER A 98 -2.55 12.06 32.56
N VAL A 99 -2.71 11.95 31.24
CA VAL A 99 -1.55 11.90 30.36
C VAL A 99 -0.76 13.21 30.46
N GLU A 100 -1.46 14.34 30.47
CA GLU A 100 -0.77 15.63 30.59
C GLU A 100 0.00 15.72 31.90
N GLU A 101 -0.61 15.29 33.00
CA GLU A 101 0.07 15.34 34.29
C GLU A 101 1.29 14.42 34.31
N THR A 102 1.17 13.23 33.73
CA THR A 102 2.25 12.24 33.77
C THR A 102 3.40 12.57 32.83
N ILE A 103 3.16 13.40 31.81
CA ILE A 103 4.23 13.79 30.89
C ILE A 103 4.92 15.02 31.43
N SER A 104 4.13 15.95 31.99
CA SER A 104 4.71 17.12 32.64
C SER A 104 5.52 16.75 33.86
N GLN A 105 5.20 15.64 34.52
CA GLN A 105 5.97 15.13 35.65
C GLN A 105 7.21 14.36 35.21
N GLN A 106 7.34 14.08 33.91
CA GLN A 106 8.53 13.45 33.37
C GLN A 106 9.53 14.44 32.78
N GLU A 107 9.07 15.55 32.25
CA GLU A 107 9.94 16.64 31.82
C GLU A 107 10.57 17.38 32.99
N LYS A 108 10.10 17.12 34.21
CA LYS A 108 10.64 17.76 35.41
C LYS A 108 11.65 16.88 36.14
N ASP A 109 11.41 15.58 36.21
CA ASP A 109 12.33 14.66 36.86
C ASP A 109 13.50 14.26 35.97
N PHE A 110 13.42 14.52 34.67
CA PHE A 110 14.49 14.18 33.75
C PHE A 110 15.07 15.38 33.00
N GLY A 111 14.42 16.54 33.03
CA GLY A 111 14.92 17.71 32.35
C GLY A 111 14.34 17.86 30.96
N THR A 112 14.22 16.74 30.24
CA THR A 112 13.69 16.76 28.88
C THR A 112 13.38 15.34 28.47
N ILE A 113 12.62 15.21 27.38
CA ILE A 113 12.31 13.93 26.76
C ILE A 113 12.80 13.99 25.32
N ASP A 114 13.62 13.01 24.93
CA ASP A 114 14.18 12.95 23.59
C ASP A 114 13.65 11.79 22.76
N VAL A 115 12.96 10.82 23.37
CA VAL A 115 12.43 9.68 22.65
C VAL A 115 11.13 9.25 23.32
N PHE A 116 10.06 9.10 22.53
CA PHE A 116 8.77 8.66 23.04
C PHE A 116 8.29 7.45 22.24
N VAL A 117 7.66 6.52 22.95
CA VAL A 117 7.14 5.30 22.33
C VAL A 117 5.71 5.06 22.82
N ALA A 118 4.73 5.49 22.05
CA ALA A 118 3.34 5.25 22.39
C ALA A 118 2.99 3.79 22.11
N ASN A 119 3.14 2.94 23.14
CA ASN A 119 3.09 1.50 22.97
C ASN A 119 2.19 0.91 24.06
N ALA A 120 0.97 1.45 24.16
CA ALA A 120 -0.05 0.94 25.07
C ALA A 120 -1.33 0.71 24.30
N GLY A 121 -2.03 -0.38 24.62
CA GLY A 121 -3.27 -0.69 23.94
C GLY A 121 -3.83 -2.00 24.46
N VAL A 122 -5.06 -2.27 24.05
CA VAL A 122 -5.78 -3.48 24.41
C VAL A 122 -6.29 -4.15 23.14
N THR A 123 -6.56 -5.45 23.24
CA THR A 123 -7.00 -6.24 22.09
C THR A 123 -8.49 -6.54 22.18
N TRP A 124 -9.10 -6.77 21.02
CA TRP A 124 -10.52 -7.09 20.92
C TRP A 124 -10.66 -8.59 20.89
N THR A 125 -11.19 -9.17 21.97
CA THR A 125 -11.32 -10.61 22.08
C THR A 125 -12.77 -11.02 22.28
N GLN A 126 -13.68 -10.41 21.51
CA GLN A 126 -15.10 -10.69 21.62
C GLN A 126 -15.68 -11.34 20.37
N GLY A 127 -14.85 -11.77 19.43
CA GLY A 127 -15.35 -12.40 18.22
C GLY A 127 -15.86 -11.39 17.23
N PRO A 128 -16.68 -11.83 16.27
CA PRO A 128 -17.22 -10.89 15.28
C PRO A 128 -18.01 -9.77 15.94
N GLU A 129 -17.89 -8.57 15.37
CA GLU A 129 -18.49 -7.38 15.95
C GLU A 129 -20.00 -7.32 15.77
N ILE A 130 -20.58 -8.18 14.94
CA ILE A 130 -22.01 -8.13 14.64
C ILE A 130 -22.79 -8.88 15.71
N ASP A 131 -22.08 -9.43 16.70
CA ASP A 131 -22.71 -10.17 17.79
C ASP A 131 -22.83 -9.37 19.08
N VAL A 132 -22.05 -8.30 19.24
CA VAL A 132 -22.12 -7.46 20.42
C VAL A 132 -23.08 -6.31 20.14
N ASP A 133 -24.09 -6.16 21.01
CA ASP A 133 -25.13 -5.16 20.81
C ASP A 133 -24.90 -3.89 21.61
N ASN A 134 -23.80 -3.80 22.35
CA ASN A 134 -23.49 -2.63 23.18
C ASN A 134 -22.21 -1.98 22.67
N TYR A 135 -22.27 -0.68 22.42
CA TYR A 135 -21.08 0.06 21.97
C TYR A 135 -20.21 0.44 23.16
N ASP A 136 -19.85 -0.53 23.99
CA ASP A 136 -18.97 -0.31 25.12
C ASP A 136 -17.61 -0.96 24.95
N SER A 137 -17.53 -2.04 24.18
CA SER A 137 -16.24 -2.64 23.84
C SER A 137 -15.58 -1.94 22.66
N TRP A 138 -16.38 -1.51 21.67
CA TRP A 138 -15.84 -0.69 20.60
C TRP A 138 -15.34 0.65 21.13
N ASN A 139 -16.11 1.28 22.01
CA ASN A 139 -15.71 2.56 22.57
C ASN A 139 -14.44 2.45 23.41
N LYS A 140 -14.20 1.30 24.04
CA LYS A 140 -12.98 1.10 24.82
C LYS A 140 -11.76 0.98 23.91
N ILE A 141 -11.86 0.23 22.81
CA ILE A 141 -10.73 0.08 21.90
C ILE A 141 -10.34 1.43 21.32
N ILE A 142 -11.32 2.22 20.88
CA ILE A 142 -11.04 3.53 20.31
C ILE A 142 -10.56 4.53 21.35
N SER A 143 -10.74 4.23 22.64
CA SER A 143 -10.31 5.12 23.71
C SER A 143 -8.89 4.87 24.17
N VAL A 144 -8.44 3.61 24.16
CA VAL A 144 -7.08 3.29 24.60
C VAL A 144 -6.11 3.18 23.42
N ASP A 145 -6.51 2.50 22.34
CA ASP A 145 -5.62 2.28 21.22
C ASP A 145 -5.42 3.53 20.37
N LEU A 146 -6.49 4.27 20.08
CA LEU A 146 -6.43 5.41 19.17
C LEU A 146 -6.40 6.74 19.92
N ASN A 147 -7.39 7.00 20.76
CA ASN A 147 -7.45 8.29 21.47
C ASN A 147 -6.25 8.45 22.40
N GLY A 148 -5.84 7.37 23.05
CA GLY A 148 -4.68 7.44 23.93
C GLY A 148 -3.42 7.82 23.20
N VAL A 149 -3.23 7.27 22.00
CA VAL A 149 -2.06 7.62 21.20
C VAL A 149 -2.06 9.10 20.84
N TYR A 150 -3.23 9.66 20.53
CA TYR A 150 -3.32 11.10 20.27
C TYR A 150 -3.05 11.93 21.52
N TYR A 151 -3.56 11.51 22.67
CA TYR A 151 -3.28 12.24 23.91
C TYR A 151 -1.79 12.25 24.20
N CYS A 152 -1.13 11.11 24.03
CA CYS A 152 0.31 11.04 24.24
C CYS A 152 1.05 11.89 23.22
N SER A 153 0.65 11.81 21.95
CA SER A 153 1.35 12.54 20.90
C SER A 153 1.10 14.04 20.97
N HIS A 154 -0.11 14.47 21.30
CA HIS A 154 -0.42 15.89 21.37
C HIS A 154 0.34 16.60 22.48
N ASN A 155 0.66 15.89 23.57
CA ASN A 155 1.41 16.47 24.67
C ASN A 155 2.91 16.35 24.50
N ILE A 156 3.40 15.21 24.00
CA ILE A 156 4.84 15.05 23.79
C ILE A 156 5.33 16.00 22.72
N GLY A 157 4.52 16.26 21.69
CA GLY A 157 4.91 17.17 20.64
C GLY A 157 5.20 18.57 21.14
N LYS A 158 4.45 19.05 22.13
CA LYS A 158 4.70 20.35 22.72
C LYS A 158 6.07 20.44 23.36
N ILE A 159 6.64 19.31 23.77
CA ILE A 159 8.00 19.31 24.34
C ILE A 159 9.05 19.27 23.24
N PHE A 160 8.80 18.52 22.16
CA PHE A 160 9.75 18.49 21.05
C PHE A 160 9.87 19.84 20.37
N LYS A 161 8.77 20.56 20.21
CA LYS A 161 8.81 21.84 19.51
C LYS A 161 9.72 22.83 20.21
N LYS A 162 9.65 22.94 21.53
CA LYS A 162 10.52 23.84 22.26
C LYS A 162 11.97 23.40 22.16
N ASN A 163 12.23 22.10 22.26
CA ASN A 163 13.59 21.60 22.16
C ASN A 163 14.08 21.61 20.72
N GLY A 164 13.17 21.41 19.76
CA GLY A 164 13.54 21.34 18.36
C GLY A 164 14.03 19.99 17.90
N LYS A 165 14.00 18.97 18.76
CA LYS A 165 14.45 17.64 18.40
C LYS A 165 13.59 16.61 19.14
N GLY A 166 13.52 15.42 18.56
CA GLY A 166 12.75 14.36 19.19
C GLY A 166 12.53 13.22 18.21
N SER A 167 11.82 12.21 18.70
CA SER A 167 11.52 11.03 17.88
C SER A 167 10.34 10.31 18.54
N LEU A 168 9.21 10.23 17.82
CA LEU A 168 8.04 9.53 18.30
C LEU A 168 7.89 8.20 17.57
N ILE A 169 7.57 7.16 18.33
CA ILE A 169 7.47 5.81 17.79
C ILE A 169 6.14 5.19 18.20
N ILE A 170 5.14 5.25 17.31
CA ILE A 170 3.85 4.65 17.63
C ILE A 170 3.88 3.17 17.28
N THR A 171 3.48 2.34 18.23
CA THR A 171 3.49 0.88 18.08
C THR A 171 2.11 0.44 17.58
N SER A 172 1.91 0.53 16.26
CA SER A 172 0.72 -0.03 15.63
C SER A 172 0.91 -1.52 15.44
N SER A 173 0.06 -2.15 14.65
CA SER A 173 0.17 -3.58 14.38
C SER A 173 -0.03 -3.82 12.89
N ILE A 174 0.27 -5.05 12.46
CA ILE A 174 -0.04 -5.45 11.10
C ILE A 174 -1.53 -5.39 10.80
N SER A 175 -2.37 -5.31 11.84
CA SER A 175 -3.79 -5.09 11.67
C SER A 175 -4.10 -3.77 10.99
N GLY A 176 -3.17 -2.82 10.96
CA GLY A 176 -3.31 -1.60 10.20
C GLY A 176 -2.98 -1.76 8.73
N LYS A 177 -2.55 -2.94 8.30
CA LYS A 177 -2.33 -3.23 6.88
C LYS A 177 -3.07 -4.45 6.38
N ILE A 178 -3.43 -5.40 7.25
CA ILE A 178 -4.13 -6.61 6.86
C ILE A 178 -5.30 -6.81 7.82
N VAL A 179 -6.01 -7.92 7.63
CA VAL A 179 -7.09 -8.34 8.51
C VAL A 179 -6.74 -9.70 9.06
N ASN A 180 -6.66 -9.82 10.39
CA ASN A 180 -6.33 -11.09 11.01
C ASN A 180 -7.33 -12.16 10.58
N ILE A 181 -6.82 -13.24 9.99
CA ILE A 181 -7.65 -14.22 9.29
C ILE A 181 -8.46 -15.04 10.29
N PRO A 182 -7.83 -15.82 11.19
CA PRO A 182 -8.63 -16.71 12.04
C PRO A 182 -9.60 -15.96 12.96
N GLN A 183 -9.09 -15.05 13.78
CA GLN A 183 -9.94 -14.25 14.64
C GLN A 183 -10.57 -13.11 13.86
N LEU A 184 -11.71 -12.62 14.35
CA LEU A 184 -12.45 -11.53 13.72
C LEU A 184 -12.47 -10.36 14.70
N GLN A 185 -11.57 -9.39 14.48
CA GLN A 185 -11.44 -8.22 15.35
C GLN A 185 -11.43 -6.99 14.45
N ALA A 186 -12.62 -6.47 14.14
CA ALA A 186 -12.73 -5.30 13.29
C ALA A 186 -12.40 -4.03 14.08
N PRO A 187 -12.92 -3.87 15.30
CA PRO A 187 -12.58 -2.67 16.07
C PRO A 187 -11.08 -2.52 16.32
N TYR A 188 -10.37 -3.62 16.53
CA TYR A 188 -8.93 -3.53 16.76
C TYR A 188 -8.19 -3.12 15.50
N ASN A 189 -8.55 -3.71 14.35
CA ASN A 189 -7.91 -3.34 13.10
C ASN A 189 -8.19 -1.89 12.75
N THR A 190 -9.41 -1.42 13.00
CA THR A 190 -9.75 -0.04 12.69
C THR A 190 -8.91 0.94 13.50
N ALA A 191 -8.70 0.66 14.78
CA ALA A 191 -7.91 1.55 15.64
C ALA A 191 -6.44 1.55 15.27
N LYS A 192 -5.88 0.41 14.86
CA LYS A 192 -4.46 0.35 14.55
C LYS A 192 -4.13 1.02 13.22
N ALA A 193 -5.00 0.90 12.22
CA ALA A 193 -4.81 1.68 11.01
C ALA A 193 -4.89 3.17 11.30
N ALA A 194 -5.76 3.58 12.22
CA ALA A 194 -5.85 4.98 12.60
C ALA A 194 -4.52 5.45 13.19
N CYS A 195 -3.92 4.67 14.08
CA CYS A 195 -2.64 5.04 14.65
C CYS A 195 -1.54 5.06 13.58
N THR A 196 -1.55 4.07 12.69
CA THR A 196 -0.55 4.00 11.63
C THR A 196 -0.60 5.21 10.70
N HIS A 197 -1.80 5.69 10.37
CA HIS A 197 -1.92 6.87 9.53
C HIS A 197 -1.75 8.17 10.30
N LEU A 198 -2.07 8.19 11.60
CA LEU A 198 -1.78 9.34 12.44
C LEU A 198 -0.29 9.57 12.60
N ALA A 199 0.50 8.49 12.69
CA ALA A 199 1.95 8.65 12.73
C ALA A 199 2.45 9.34 11.47
N LYS A 200 1.95 8.93 10.31
CA LYS A 200 2.33 9.57 9.06
C LYS A 200 1.87 11.03 9.01
N SER A 201 0.63 11.29 9.45
CA SER A 201 0.11 12.66 9.41
C SER A 201 0.90 13.60 10.31
N LEU A 202 1.25 13.15 11.51
CA LEU A 202 2.05 13.99 12.41
C LEU A 202 3.46 14.21 11.89
N ALA A 203 3.96 13.33 11.01
CA ALA A 203 5.30 13.51 10.45
C ALA A 203 5.40 14.79 9.65
N ILE A 204 4.38 15.12 8.86
CA ILE A 204 4.41 16.34 8.07
C ILE A 204 4.37 17.57 8.97
N GLU A 205 3.56 17.54 10.03
CA GLU A 205 3.46 18.67 10.95
C GLU A 205 4.65 18.78 11.90
N TRP A 206 5.22 17.66 12.33
CA TRP A 206 6.37 17.66 13.23
C TRP A 206 7.69 17.65 12.48
N ALA A 207 7.66 17.75 11.15
CA ALA A 207 8.86 17.72 10.34
C ALA A 207 9.88 18.77 10.80
N PRO A 208 9.45 20.00 11.10
CA PRO A 208 10.43 21.03 11.49
C PRO A 208 11.29 20.65 12.68
N PHE A 209 10.73 19.97 13.68
CA PHE A 209 11.48 19.65 14.90
C PHE A 209 11.67 18.16 15.10
N ALA A 210 10.60 17.37 15.10
CA ALA A 210 10.65 15.98 15.52
C ALA A 210 10.43 15.04 14.34
N ARG A 211 10.44 13.73 14.63
CA ARG A 211 10.17 12.69 13.66
C ARG A 211 9.18 11.70 14.25
N VAL A 212 8.34 11.12 13.40
CA VAL A 212 7.31 10.18 13.81
C VAL A 212 7.42 8.94 12.93
N ASN A 213 7.38 7.76 13.56
CA ASN A 213 7.48 6.50 12.83
C ASN A 213 6.61 5.46 13.51
N THR A 214 6.53 4.29 12.86
CA THR A 214 5.74 3.17 13.34
C THR A 214 6.56 1.89 13.33
N ILE A 215 6.27 1.01 14.28
CA ILE A 215 7.03 -0.23 14.47
C ILE A 215 6.08 -1.41 14.35
N SER A 216 5.09 -1.30 13.47
CA SER A 216 4.03 -2.30 13.35
C SER A 216 4.59 -3.72 13.40
N PRO A 217 4.38 -4.46 14.48
CA PRO A 217 4.88 -5.84 14.54
C PRO A 217 3.87 -6.84 14.02
N GLY A 218 4.29 -8.11 14.03
CA GLY A 218 3.43 -9.21 13.65
C GLY A 218 2.85 -9.91 14.86
N TYR A 219 2.96 -11.24 14.90
CA TYR A 219 2.44 -12.03 16.00
C TYR A 219 3.56 -12.32 17.00
N ILE A 220 3.92 -11.28 17.74
CA ILE A 220 4.95 -11.40 18.76
C ILE A 220 4.45 -12.28 19.91
N ASP A 221 5.38 -12.94 20.59
CA ASP A 221 5.04 -13.84 21.69
C ASP A 221 5.10 -13.07 23.00
N THR A 222 4.01 -12.36 23.28
CA THR A 222 3.86 -11.60 24.51
C THR A 222 2.63 -12.12 25.26
N ASP A 223 2.26 -11.42 26.34
CA ASP A 223 1.10 -11.80 27.12
C ASP A 223 -0.22 -11.52 26.41
N ILE A 224 -0.18 -10.85 25.26
CA ILE A 224 -1.40 -10.54 24.51
C ILE A 224 -1.86 -11.74 23.69
N THR A 225 -0.93 -12.42 23.01
CA THR A 225 -1.26 -13.53 22.14
C THR A 225 -1.17 -14.89 22.84
N ASP A 226 -0.78 -14.92 24.12
CA ASP A 226 -0.70 -16.18 24.85
C ASP A 226 -2.01 -16.48 25.57
N PHE A 227 -3.11 -16.38 24.84
CA PHE A 227 -4.41 -16.82 25.34
C PHE A 227 -5.18 -17.54 24.24
N ALA A 228 -4.82 -17.27 22.98
CA ALA A 228 -5.54 -17.86 21.85
C ALA A 228 -5.38 -19.37 21.84
N SER A 229 -6.45 -20.06 21.43
CA SER A 229 -6.42 -21.52 21.38
C SER A 229 -5.35 -21.98 20.40
N LYS A 230 -4.73 -23.12 20.72
CA LYS A 230 -3.70 -23.68 19.85
C LYS A 230 -4.23 -23.91 18.44
N ASP A 231 -5.53 -24.17 18.28
CA ASP A 231 -6.11 -24.23 16.96
C ASP A 231 -6.01 -22.89 16.25
N MET A 232 -6.29 -21.79 16.95
CA MET A 232 -6.11 -20.47 16.38
C MET A 232 -4.64 -20.15 16.14
N LYS A 233 -3.78 -20.46 17.13
CA LYS A 233 -2.36 -20.21 17.00
C LYS A 233 -1.70 -21.09 15.95
N ALA A 234 -2.32 -22.20 15.57
CA ALA A 234 -1.80 -23.04 14.50
C ALA A 234 -1.99 -22.42 13.12
N LYS A 235 -3.04 -21.62 12.92
CA LYS A 235 -3.26 -20.93 11.67
C LYS A 235 -2.37 -19.71 11.51
N TRP A 236 -1.82 -19.18 12.61
CA TRP A 236 -0.84 -18.10 12.52
C TRP A 236 0.50 -18.58 11.97
N TRP A 237 0.96 -19.76 12.41
CA TRP A 237 2.21 -20.30 11.90
C TRP A 237 2.09 -20.70 10.43
N GLN A 238 0.95 -21.27 10.05
CA GLN A 238 0.75 -21.73 8.68
C GLN A 238 0.76 -20.59 7.66
N LEU A 239 0.50 -19.36 8.09
CA LEU A 239 0.40 -18.22 7.19
C LEU A 239 1.53 -17.22 7.43
N THR A 240 2.62 -17.68 8.05
CA THR A 240 3.79 -16.84 8.30
C THR A 240 4.98 -17.45 7.56
N PRO A 241 5.56 -16.77 6.56
CA PRO A 241 6.71 -17.34 5.84
C PRO A 241 7.76 -17.92 6.77
N LEU A 242 8.17 -17.15 7.79
CA LEU A 242 9.13 -17.65 8.75
C LEU A 242 8.57 -18.79 9.58
N GLY A 243 7.25 -18.97 9.61
CA GLY A 243 6.64 -20.12 10.25
C GLY A 243 6.86 -20.21 11.74
N ARG A 244 6.67 -19.11 12.45
CA ARG A 244 6.78 -19.10 13.90
C ARG A 244 6.24 -17.77 14.42
N GLU A 245 6.32 -17.58 15.73
CA GLU A 245 5.92 -16.35 16.39
C GLU A 245 7.17 -15.62 16.87
N GLY A 246 7.26 -14.34 16.53
CA GLY A 246 8.42 -13.55 16.92
C GLY A 246 8.51 -13.36 18.41
N LEU A 247 9.74 -13.15 18.87
CA LEU A 247 10.03 -12.91 20.27
C LEU A 247 10.21 -11.41 20.51
N THR A 248 10.06 -11.02 21.77
CA THR A 248 10.19 -9.61 22.15
C THR A 248 11.60 -9.08 21.92
N GLN A 249 12.61 -9.95 21.86
CA GLN A 249 13.98 -9.53 21.57
C GLN A 249 14.22 -9.29 20.10
N GLU A 250 13.32 -9.74 19.22
CA GLU A 250 13.42 -9.49 17.79
C GLU A 250 12.79 -8.16 17.40
N LEU A 251 12.26 -7.41 18.36
CA LEU A 251 11.67 -6.11 18.11
C LEU A 251 12.51 -4.95 18.62
N VAL A 252 13.42 -5.17 19.57
CA VAL A 252 14.21 -4.08 20.13
C VAL A 252 15.09 -3.45 19.06
N GLY A 253 15.60 -4.27 18.14
CA GLY A 253 16.45 -3.74 17.09
C GLY A 253 15.76 -2.66 16.27
N GLY A 254 14.50 -2.91 15.90
CA GLY A 254 13.73 -1.92 15.18
C GLY A 254 13.39 -0.70 16.01
N TYR A 255 13.08 -0.88 17.29
CA TYR A 255 12.76 0.24 18.17
C TYR A 255 13.97 1.12 18.46
N LEU A 256 15.15 0.53 18.66
CA LEU A 256 16.36 1.30 18.88
C LEU A 256 16.88 1.95 17.61
N TYR A 257 16.52 1.42 16.43
CA TYR A 257 16.94 2.01 15.17
C TYR A 257 16.16 3.27 14.81
N LEU A 258 14.88 3.35 15.19
CA LEU A 258 14.06 4.53 14.91
C LEU A 258 14.12 5.57 16.02
N ALA A 259 14.79 5.28 17.13
CA ALA A 259 14.94 6.23 18.23
C ALA A 259 16.31 6.90 18.25
N SER A 260 17.34 6.25 17.73
CA SER A 260 18.68 6.78 17.76
C SER A 260 18.92 7.66 16.53
N ASN A 261 20.17 8.12 16.38
CA ASN A 261 20.54 8.97 15.25
C ASN A 261 20.76 8.16 13.97
N ALA A 262 20.71 6.83 14.04
CA ALA A 262 20.87 6.03 12.83
C ALA A 262 19.78 6.35 11.82
N SER A 263 18.53 6.47 12.29
CA SER A 263 17.41 6.83 11.44
C SER A 263 17.16 8.33 11.51
N THR A 264 18.15 9.09 11.06
CA THR A 264 18.06 10.54 11.03
C THR A 264 17.36 11.06 9.78
N PHE A 265 17.00 10.17 8.86
CA PHE A 265 16.24 10.56 7.67
C PHE A 265 14.94 9.79 7.51
N THR A 266 14.66 8.81 8.37
CA THR A 266 13.42 8.03 8.31
C THR A 266 12.34 8.77 9.08
N THR A 267 11.45 9.43 8.34
CA THR A 267 10.35 10.19 8.93
C THR A 267 9.04 9.70 8.32
N GLY A 268 8.08 9.40 9.18
CA GLY A 268 6.78 8.93 8.72
C GLY A 268 6.83 7.62 7.97
N SER A 269 7.73 6.71 8.34
CA SER A 269 7.86 5.42 7.70
C SER A 269 7.07 4.38 8.50
N ASP A 270 7.26 3.10 8.16
CA ASP A 270 6.58 2.02 8.86
C ASP A 270 7.46 0.78 8.76
N VAL A 271 8.18 0.47 9.83
CA VAL A 271 9.01 -0.72 9.88
C VAL A 271 8.14 -1.90 10.30
N VAL A 272 7.94 -2.84 9.38
CA VAL A 272 7.03 -3.95 9.62
C VAL A 272 7.81 -5.19 10.04
N ILE A 273 7.95 -5.39 11.36
CA ILE A 273 8.57 -6.59 11.89
C ILE A 273 7.48 -7.65 12.07
N ASP A 274 7.16 -8.36 10.99
CA ASP A 274 6.05 -9.29 10.99
C ASP A 274 6.46 -10.73 10.67
N GLY A 275 7.70 -10.97 10.27
CA GLY A 275 8.10 -12.28 9.80
C GLY A 275 7.63 -12.62 8.41
N GLY A 276 7.18 -11.64 7.64
CA GLY A 276 6.66 -11.87 6.31
C GLY A 276 5.18 -12.16 6.23
N TYR A 277 4.42 -11.88 7.30
CA TYR A 277 3.00 -12.18 7.31
C TYR A 277 2.22 -11.33 6.30
N THR A 278 2.59 -10.07 6.12
CA THR A 278 1.87 -9.19 5.20
C THR A 278 2.23 -9.43 3.74
N CYS A 279 3.23 -10.26 3.46
CA CYS A 279 3.63 -10.53 2.08
C CYS A 279 2.60 -11.39 1.38
N PRO A 280 2.24 -12.58 1.92
CA PRO A 280 1.23 -13.38 1.22
C PRO A 280 -0.13 -12.71 1.17
N SER B 1 2.88 -35.96 8.63
CA SER B 1 2.30 -37.31 8.87
C SER B 1 0.98 -37.22 9.64
N MET B 2 1.09 -36.95 10.95
CA MET B 2 -0.09 -36.84 11.79
C MET B 2 0.30 -36.08 13.05
N GLY B 3 -0.47 -35.06 13.38
CA GLY B 3 -0.26 -34.26 14.57
C GLY B 3 0.60 -33.03 14.36
N GLU B 4 1.36 -32.98 13.26
CA GLU B 4 2.23 -31.84 12.97
C GLU B 4 1.53 -30.89 11.99
N ILE B 5 1.99 -29.65 11.99
CA ILE B 5 1.43 -28.62 11.13
C ILE B 5 2.39 -28.38 9.97
N GLU B 6 1.82 -28.15 8.78
CA GLU B 6 2.60 -27.88 7.58
C GLU B 6 2.23 -26.51 7.05
N SER B 7 3.25 -25.72 6.73
CA SER B 7 3.03 -24.33 6.32
C SER B 7 2.27 -24.27 5.00
N TYR B 8 1.50 -23.20 4.83
CA TYR B 8 0.81 -22.91 3.59
C TYR B 8 1.67 -22.16 2.59
N CYS B 9 2.63 -21.36 3.07
CA CYS B 9 3.46 -20.56 2.18
C CYS B 9 4.57 -21.41 1.55
N ASN B 10 5.45 -21.97 2.38
CA ASN B 10 6.56 -22.79 1.92
C ASN B 10 6.52 -24.10 2.70
N LYS B 11 6.25 -25.21 1.99
CA LYS B 11 6.13 -26.50 2.63
C LYS B 11 7.46 -27.06 3.12
N GLU B 12 8.58 -26.44 2.75
CA GLU B 12 9.91 -26.90 3.15
C GLU B 12 10.33 -26.38 4.51
N LEU B 13 9.51 -25.56 5.16
CA LEU B 13 9.86 -25.07 6.49
C LEU B 13 9.96 -26.21 7.50
N GLY B 14 9.24 -27.30 7.25
CA GLY B 14 9.24 -28.43 8.15
C GLY B 14 8.05 -28.41 9.08
N PRO B 15 8.05 -29.27 10.09
CA PRO B 15 6.94 -29.27 11.05
C PRO B 15 6.90 -28.00 11.89
N LEU B 16 5.88 -27.17 11.66
CA LEU B 16 5.79 -25.91 12.37
C LEU B 16 5.48 -26.13 13.84
N PRO B 17 5.83 -25.16 14.70
CA PRO B 17 6.51 -23.89 14.41
C PRO B 17 8.02 -24.07 14.31
N THR B 18 8.69 -23.30 13.44
CA THR B 18 10.14 -23.38 13.34
C THR B 18 10.78 -22.80 14.59
N LYS B 19 11.84 -23.46 15.06
CA LYS B 19 12.52 -23.01 16.27
C LYS B 19 13.09 -21.62 16.06
N ALA B 20 12.91 -20.77 17.08
CA ALA B 20 13.41 -19.40 17.00
C ALA B 20 14.92 -19.37 17.16
N PRO B 21 15.60 -18.40 16.56
CA PRO B 21 17.06 -18.33 16.66
C PRO B 21 17.50 -17.87 18.03
N THR B 22 18.78 -18.11 18.32
CA THR B 22 19.38 -17.69 19.59
C THR B 22 19.98 -16.30 19.39
N LEU B 23 19.53 -15.35 20.20
CA LEU B 23 19.93 -13.96 20.07
C LEU B 23 20.63 -13.49 21.35
N SER B 24 21.55 -12.55 21.19
CA SER B 24 22.26 -11.99 22.33
C SER B 24 21.28 -11.29 23.27
N LYS B 25 21.77 -10.94 24.45
CA LYS B 25 20.97 -10.25 25.45
C LYS B 25 21.11 -8.73 25.38
N ASN B 26 22.29 -8.22 25.05
CA ASN B 26 22.51 -6.79 24.90
C ASN B 26 22.09 -6.36 23.51
N VAL B 27 21.33 -5.26 23.44
CA VAL B 27 20.83 -4.80 22.14
C VAL B 27 21.97 -4.37 21.23
N LEU B 28 22.96 -3.66 21.77
CA LEU B 28 24.04 -3.14 20.95
C LEU B 28 24.91 -4.25 20.36
N ASP B 29 24.91 -5.43 20.96
CA ASP B 29 25.68 -6.56 20.45
C ASP B 29 24.95 -7.32 19.37
N LEU B 30 23.69 -6.99 19.10
CA LEU B 30 22.94 -7.60 18.02
C LEU B 30 23.34 -7.05 16.66
N PHE B 31 23.70 -5.78 16.59
CA PHE B 31 24.04 -5.12 15.34
C PHE B 31 25.44 -5.45 14.84
N SER B 32 26.24 -6.13 15.64
CA SER B 32 27.62 -6.47 15.27
C SER B 32 27.62 -7.55 14.20
N LEU B 33 28.47 -7.38 13.19
CA LEU B 33 28.61 -8.34 12.10
C LEU B 33 29.92 -9.11 12.18
N LYS B 34 30.47 -9.25 13.39
CA LYS B 34 31.75 -9.93 13.56
C LYS B 34 31.69 -11.34 13.00
N GLY B 35 32.73 -11.73 12.27
CA GLY B 35 32.78 -13.05 11.67
C GLY B 35 31.74 -13.30 10.61
N LYS B 36 31.43 -12.30 9.79
CA LYS B 36 30.47 -12.43 8.70
C LYS B 36 31.03 -11.78 7.45
N VAL B 37 30.74 -12.38 6.30
CA VAL B 37 31.13 -11.84 5.01
C VAL B 37 29.92 -11.15 4.40
N ALA B 38 30.12 -9.92 3.92
CA ALA B 38 29.03 -9.10 3.40
C ALA B 38 29.42 -8.61 2.00
N SER B 39 28.94 -9.31 0.98
CA SER B 39 29.19 -8.91 -0.41
C SER B 39 28.18 -7.84 -0.81
N VAL B 40 28.66 -6.63 -1.07
CA VAL B 40 27.81 -5.50 -1.42
C VAL B 40 28.00 -5.21 -2.90
N THR B 41 26.93 -5.37 -3.68
CA THR B 41 26.98 -5.10 -5.11
C THR B 41 27.00 -3.60 -5.37
N GLY B 42 27.74 -3.20 -6.39
CA GLY B 42 27.87 -1.79 -6.72
C GLY B 42 28.46 -0.98 -5.59
N SER B 43 29.52 -1.50 -4.97
CA SER B 43 30.15 -0.87 -3.82
C SER B 43 31.21 0.15 -4.21
N SER B 44 31.15 0.67 -5.44
CA SER B 44 32.07 1.70 -5.90
C SER B 44 31.31 2.95 -6.31
N GLY B 45 30.17 3.21 -5.68
CA GLY B 45 29.32 4.34 -5.98
C GLY B 45 29.08 5.19 -4.75
N GLY B 46 27.88 5.77 -4.70
CA GLY B 46 27.53 6.64 -3.59
C GLY B 46 26.98 5.90 -2.39
N ILE B 47 25.90 5.14 -2.59
CA ILE B 47 25.30 4.39 -1.49
C ILE B 47 26.03 3.07 -1.22
N GLY B 48 26.56 2.43 -2.25
CA GLY B 48 27.25 1.18 -2.07
C GLY B 48 28.53 1.32 -1.25
N TRP B 49 29.29 2.37 -1.53
CA TRP B 49 30.53 2.60 -0.77
C TRP B 49 30.25 2.88 0.70
N ALA B 50 29.21 3.66 0.99
CA ALA B 50 28.87 3.94 2.39
C ALA B 50 28.45 2.67 3.11
N VAL B 51 27.64 1.84 2.44
CA VAL B 51 27.20 0.59 3.07
C VAL B 51 28.39 -0.36 3.30
N ALA B 52 29.30 -0.43 2.34
CA ALA B 52 30.48 -1.28 2.50
C ALA B 52 31.33 -0.82 3.68
N GLU B 53 31.54 0.49 3.80
CA GLU B 53 32.32 1.00 4.92
C GLU B 53 31.61 0.74 6.24
N ALA B 54 30.29 0.95 6.28
CA ALA B 54 29.54 0.71 7.49
C ALA B 54 29.58 -0.76 7.90
N TYR B 55 29.49 -1.69 6.94
CA TYR B 55 29.64 -3.09 7.25
C TYR B 55 31.05 -3.44 7.73
N ALA B 56 32.08 -2.82 7.13
CA ALA B 56 33.44 -3.01 7.60
C ALA B 56 33.63 -2.46 9.00
N GLN B 57 33.02 -1.31 9.30
CA GLN B 57 33.12 -0.74 10.64
C GLN B 57 32.51 -1.67 11.68
N ALA B 58 31.57 -2.51 11.29
CA ALA B 58 30.95 -3.48 12.18
C ALA B 58 31.70 -4.80 12.20
N GLY B 59 32.90 -4.85 11.64
CA GLY B 59 33.69 -6.06 11.61
C GLY B 59 33.14 -7.10 10.67
N ALA B 60 33.14 -6.80 9.38
CA ALA B 60 32.67 -7.73 8.36
C ALA B 60 33.64 -7.75 7.20
N ASP B 61 33.81 -8.93 6.59
CA ASP B 61 34.68 -9.08 5.43
C ASP B 61 33.89 -8.68 4.20
N VAL B 62 33.92 -7.39 3.87
CA VAL B 62 33.13 -6.85 2.78
C VAL B 62 33.84 -7.10 1.46
N ALA B 63 33.06 -7.34 0.41
CA ALA B 63 33.56 -7.57 -0.94
C ALA B 63 33.08 -6.42 -1.82
N ILE B 64 34.03 -5.75 -2.47
CA ILE B 64 33.68 -4.59 -3.29
C ILE B 64 33.36 -5.04 -4.72
N TRP B 65 32.43 -4.31 -5.35
CA TRP B 65 32.03 -4.57 -6.73
C TRP B 65 32.21 -3.29 -7.53
N TYR B 66 32.62 -3.43 -8.79
CA TYR B 66 32.67 -2.29 -9.69
C TYR B 66 32.55 -2.78 -11.13
N ASN B 67 32.17 -1.87 -12.03
CA ASN B 67 32.00 -2.19 -13.43
C ASN B 67 32.95 -1.38 -14.32
N SER B 68 32.92 -0.05 -14.18
CA SER B 68 33.73 0.83 -15.01
C SER B 68 34.53 1.84 -14.22
N HIS B 69 34.24 2.04 -12.94
CA HIS B 69 35.05 2.89 -12.07
C HIS B 69 35.90 2.01 -11.18
N PRO B 70 37.15 1.73 -11.55
CA PRO B 70 37.95 0.79 -10.74
C PRO B 70 38.02 1.22 -9.29
N ALA B 71 37.74 0.26 -8.40
CA ALA B 71 37.76 0.50 -6.96
C ALA B 71 38.62 -0.60 -6.32
N ASP B 72 39.93 -0.37 -6.32
CA ASP B 72 40.86 -1.22 -5.60
C ASP B 72 41.55 -0.50 -4.45
N GLU B 73 41.62 0.83 -4.50
CA GLU B 73 42.05 1.60 -3.33
C GLU B 73 40.94 1.67 -2.28
N LYS B 74 39.69 1.49 -2.68
CA LYS B 74 38.61 1.40 -1.72
C LYS B 74 38.66 0.09 -0.93
N ALA B 75 38.90 -1.02 -1.63
CA ALA B 75 39.03 -2.31 -0.95
C ALA B 75 40.26 -2.32 -0.03
N GLU B 76 41.37 -1.76 -0.48
CA GLU B 76 42.57 -1.69 0.36
C GLU B 76 42.39 -0.75 1.53
N HIS B 77 41.61 0.33 1.35
CA HIS B 77 41.34 1.25 2.45
C HIS B 77 40.56 0.59 3.58
N LEU B 78 39.73 -0.41 3.28
CA LEU B 78 38.99 -1.13 4.29
C LEU B 78 39.79 -2.26 4.93
N GLN B 79 40.88 -2.69 4.30
CA GLN B 79 41.72 -3.75 4.84
C GLN B 79 42.86 -3.23 5.70
N LYS B 80 43.01 -1.91 5.80
CA LYS B 80 44.06 -1.32 6.64
C LYS B 80 43.53 -0.34 7.67
N THR B 81 42.29 0.12 7.55
CA THR B 81 41.69 1.01 8.53
C THR B 81 40.85 0.27 9.58
N TYR B 82 40.33 -0.91 9.23
CA TYR B 82 39.52 -1.70 10.15
C TYR B 82 40.00 -3.13 10.32
N GLY B 83 40.99 -3.58 9.56
CA GLY B 83 41.48 -4.94 9.70
C GLY B 83 40.47 -6.01 9.34
N VAL B 84 39.73 -5.83 8.25
CA VAL B 84 38.75 -6.78 7.78
C VAL B 84 39.11 -7.18 6.36
N HIS B 85 39.16 -8.48 6.10
CA HIS B 85 39.49 -8.97 4.76
C HIS B 85 38.50 -8.41 3.74
N SER B 86 39.02 -7.90 2.63
CA SER B 86 38.21 -7.31 1.59
C SER B 86 38.89 -7.49 0.24
N LYS B 87 38.10 -7.38 -0.82
CA LYS B 87 38.60 -7.53 -2.18
C LYS B 87 37.64 -6.83 -3.13
N ALA B 88 38.12 -6.56 -4.34
CA ALA B 88 37.35 -5.85 -5.36
C ALA B 88 37.20 -6.74 -6.58
N TYR B 89 35.98 -6.79 -7.11
CA TYR B 89 35.65 -7.62 -8.26
C TYR B 89 35.00 -6.79 -9.35
N LYS B 90 35.39 -7.05 -10.60
CA LYS B 90 34.84 -6.38 -11.77
C LYS B 90 33.82 -7.31 -12.41
N CYS B 91 32.56 -6.93 -12.33
CA CYS B 91 31.47 -7.75 -12.88
C CYS B 91 30.47 -6.86 -13.59
N ASN B 92 29.94 -7.36 -14.70
CA ASN B 92 28.85 -6.70 -15.41
C ASN B 92 27.55 -7.33 -14.95
N ILE B 93 26.80 -6.59 -14.12
CA ILE B 93 25.62 -7.12 -13.45
C ILE B 93 24.59 -7.56 -14.49
N SER B 94 24.64 -6.98 -15.68
CA SER B 94 23.71 -7.32 -16.75
C SER B 94 24.12 -8.59 -17.50
N ASP B 95 25.25 -9.19 -17.16
CA ASP B 95 25.71 -10.41 -17.83
C ASP B 95 25.38 -11.60 -16.95
N PRO B 96 24.48 -12.50 -17.36
CA PRO B 96 24.13 -13.63 -16.48
C PRO B 96 25.32 -14.48 -16.09
N LYS B 97 26.26 -14.73 -17.00
CA LYS B 97 27.39 -15.61 -16.69
C LYS B 97 28.44 -14.90 -15.83
N SER B 98 28.65 -13.60 -16.04
CA SER B 98 29.66 -12.89 -15.25
C SER B 98 29.29 -12.86 -13.78
N VAL B 99 27.99 -12.70 -13.48
CA VAL B 99 27.56 -12.68 -12.08
C VAL B 99 27.87 -14.00 -11.40
N GLU B 100 27.61 -15.12 -12.08
CA GLU B 100 27.90 -16.43 -11.51
C GLU B 100 29.40 -16.59 -11.25
N GLU B 101 30.23 -16.15 -12.19
CA GLU B 101 31.68 -16.26 -12.00
C GLU B 101 32.15 -15.39 -10.83
N THR B 102 31.61 -14.18 -10.72
CA THR B 102 32.05 -13.25 -9.69
C THR B 102 31.55 -13.62 -8.30
N ILE B 103 30.44 -14.35 -8.18
CA ILE B 103 29.96 -14.81 -6.90
C ILE B 103 30.61 -16.11 -6.47
N SER B 104 30.87 -17.04 -7.39
CA SER B 104 31.61 -18.24 -7.04
C SER B 104 33.06 -17.93 -6.68
N GLN B 105 33.60 -16.83 -7.20
CA GLN B 105 34.94 -16.38 -6.84
C GLN B 105 34.98 -15.65 -5.51
N GLN B 106 33.82 -15.31 -4.95
CA GLN B 106 33.73 -14.70 -3.64
C GLN B 106 33.47 -15.71 -2.54
N GLU B 107 32.75 -16.79 -2.81
CA GLU B 107 32.59 -17.89 -1.86
C GLU B 107 33.87 -18.70 -1.69
N LYS B 108 34.88 -18.47 -2.55
CA LYS B 108 36.15 -19.16 -2.45
C LYS B 108 37.23 -18.35 -1.74
N ASP B 109 37.26 -17.03 -1.96
CA ASP B 109 38.23 -16.18 -1.29
C ASP B 109 37.82 -15.81 0.12
N PHE B 110 36.55 -16.01 0.48
CA PHE B 110 36.05 -15.69 1.81
C PHE B 110 35.49 -16.88 2.58
N GLY B 111 35.28 -18.02 1.93
CA GLY B 111 34.75 -19.19 2.59
C GLY B 111 33.24 -19.28 2.49
N THR B 112 32.56 -18.15 2.67
CA THR B 112 31.11 -18.12 2.60
C THR B 112 30.67 -16.66 2.51
N ILE B 113 29.39 -16.47 2.15
CA ILE B 113 28.76 -15.16 2.12
C ILE B 113 27.57 -15.20 3.07
N ASP B 114 27.52 -14.24 4.00
CA ASP B 114 26.45 -14.17 4.98
C ASP B 114 25.54 -12.96 4.81
N VAL B 115 25.92 -11.99 3.98
CA VAL B 115 25.11 -10.80 3.74
C VAL B 115 25.32 -10.34 2.31
N PHE B 116 24.22 -10.13 1.58
CA PHE B 116 24.28 -9.66 0.21
C PHE B 116 23.42 -8.41 0.06
N VAL B 117 23.90 -7.47 -0.75
CA VAL B 117 23.20 -6.22 -0.99
C VAL B 117 23.19 -5.92 -2.49
N ALA B 118 22.09 -6.28 -3.16
CA ALA B 118 21.94 -5.99 -4.58
C ALA B 118 21.67 -4.50 -4.76
N ASN B 119 22.73 -3.71 -4.96
CA ASN B 119 22.66 -2.26 -4.90
C ASN B 119 23.41 -1.70 -6.12
N ALA B 120 23.02 -2.18 -7.30
CA ALA B 120 23.52 -1.67 -8.57
C ALA B 120 22.36 -1.33 -9.48
N GLY B 121 22.49 -0.24 -10.22
CA GLY B 121 21.44 0.17 -11.13
C GLY B 121 21.80 1.47 -11.81
N VAL B 122 21.01 1.78 -12.83
CA VAL B 122 21.16 3.02 -13.60
C VAL B 122 19.82 3.73 -13.64
N THR B 123 19.86 5.04 -13.86
CA THR B 123 18.67 5.87 -13.87
C THR B 123 18.26 6.21 -15.30
N TRP B 124 16.98 6.54 -15.47
CA TRP B 124 16.43 6.91 -16.77
C TRP B 124 16.40 8.43 -16.85
N THR B 125 17.25 8.99 -17.70
CA THR B 125 17.38 10.44 -17.82
C THR B 125 17.08 10.90 -19.24
N GLN B 126 16.02 10.34 -19.85
CA GLN B 126 15.65 10.67 -21.22
C GLN B 126 14.31 11.38 -21.31
N GLY B 127 13.72 11.80 -20.19
CA GLY B 127 12.45 12.47 -20.21
C GLY B 127 11.29 11.51 -20.41
N PRO B 128 10.14 12.01 -20.85
CA PRO B 128 8.99 11.13 -21.06
C PRO B 128 9.30 10.01 -22.04
N GLU B 129 8.76 8.83 -21.77
CA GLU B 129 9.07 7.65 -22.57
C GLU B 129 8.38 7.66 -23.94
N ILE B 130 7.43 8.56 -24.17
CA ILE B 130 6.67 8.57 -25.41
C ILE B 130 7.43 9.33 -26.48
N ASP B 131 8.62 9.82 -26.14
CA ASP B 131 9.45 10.57 -27.08
C ASP B 131 10.58 9.74 -27.66
N VAL B 132 10.97 8.63 -27.04
CA VAL B 132 12.02 7.78 -27.54
C VAL B 132 11.39 6.67 -28.39
N ASP B 133 11.84 6.55 -29.63
CA ASP B 133 11.27 5.61 -30.58
C ASP B 133 12.02 4.29 -30.64
N ASN B 134 13.09 4.13 -29.87
CA ASN B 134 13.91 2.92 -29.88
C ASN B 134 13.81 2.25 -28.52
N TYR B 135 13.53 0.95 -28.52
CA TYR B 135 13.46 0.18 -27.28
C TYR B 135 14.85 -0.27 -26.86
N ASP B 136 15.81 0.67 -26.78
CA ASP B 136 17.15 0.37 -26.33
C ASP B 136 17.46 0.95 -24.96
N SER B 137 16.91 2.12 -24.64
CA SER B 137 17.06 2.66 -23.29
C SER B 137 16.15 1.94 -22.30
N TRP B 138 14.94 1.57 -22.72
CA TRP B 138 14.08 0.76 -21.87
C TRP B 138 14.69 -0.60 -21.61
N ASN B 139 15.24 -1.23 -22.65
CA ASN B 139 15.85 -2.55 -22.49
C ASN B 139 17.06 -2.52 -21.58
N LYS B 140 17.78 -1.40 -21.52
CA LYS B 140 18.93 -1.27 -20.63
C LYS B 140 18.50 -1.18 -19.17
N ILE B 141 17.45 -0.40 -18.89
CA ILE B 141 16.98 -0.27 -17.52
C ILE B 141 16.51 -1.61 -16.98
N ILE B 142 15.74 -2.35 -17.79
CA ILE B 142 15.24 -3.65 -17.36
C ILE B 142 16.35 -4.70 -17.29
N SER B 143 17.52 -4.43 -17.86
CA SER B 143 18.64 -5.36 -17.85
C SER B 143 19.56 -5.17 -16.66
N VAL B 144 19.76 -3.93 -16.22
CA VAL B 144 20.65 -3.67 -15.09
C VAL B 144 19.89 -3.55 -13.77
N ASP B 145 18.72 -2.92 -13.77
CA ASP B 145 17.98 -2.69 -12.54
C ASP B 145 17.18 -3.91 -12.10
N LEU B 146 16.50 -4.58 -13.03
CA LEU B 146 15.61 -5.70 -12.69
C LEU B 146 16.28 -7.04 -12.95
N ASN B 147 16.74 -7.29 -14.18
CA ASN B 147 17.33 -8.58 -14.50
C ASN B 147 18.60 -8.82 -13.69
N GLY B 148 19.40 -7.77 -13.51
CA GLY B 148 20.61 -7.91 -12.73
C GLY B 148 20.35 -8.33 -11.30
N VAL B 149 19.30 -7.75 -10.69
CA VAL B 149 18.95 -8.13 -9.33
C VAL B 149 18.54 -9.59 -9.25
N TYR B 150 17.84 -10.10 -10.25
CA TYR B 150 17.51 -11.53 -10.29
C TYR B 150 18.73 -12.40 -10.49
N TYR B 151 19.66 -12.00 -11.36
CA TYR B 151 20.88 -12.77 -11.53
C TYR B 151 21.67 -12.85 -10.23
N CYS B 152 21.78 -11.72 -9.52
CA CYS B 152 22.48 -11.72 -8.24
C CYS B 152 21.74 -12.56 -7.21
N SER B 153 20.41 -12.45 -7.15
CA SER B 153 19.63 -13.18 -6.15
C SER B 153 19.55 -14.67 -6.46
N HIS B 154 19.48 -15.06 -7.74
CA HIS B 154 19.37 -16.47 -8.07
C HIS B 154 20.63 -17.24 -7.71
N ASN B 155 21.80 -16.59 -7.79
CA ASN B 155 23.06 -17.24 -7.46
C ASN B 155 23.37 -17.18 -5.97
N ILE B 156 23.11 -16.05 -5.33
CA ILE B 156 23.38 -15.92 -3.90
C ILE B 156 22.46 -16.84 -3.10
N GLY B 157 21.22 -17.02 -3.55
CA GLY B 157 20.31 -17.90 -2.84
C GLY B 157 20.83 -19.32 -2.72
N LYS B 158 21.51 -19.80 -3.76
CA LYS B 158 22.08 -21.14 -3.71
C LYS B 158 23.11 -21.27 -2.61
N ILE B 159 23.91 -20.23 -2.38
CA ILE B 159 24.88 -20.26 -1.29
C ILE B 159 24.18 -20.26 0.06
N PHE B 160 23.12 -19.47 0.20
CA PHE B 160 22.38 -19.43 1.47
C PHE B 160 21.73 -20.77 1.78
N LYS B 161 21.18 -21.45 0.78
CA LYS B 161 20.48 -22.70 1.02
C LYS B 161 21.39 -23.75 1.64
N LYS B 162 22.61 -23.89 1.12
CA LYS B 162 23.55 -24.85 1.67
C LYS B 162 23.96 -24.47 3.09
N ASN B 163 24.19 -23.18 3.34
CA ASN B 163 24.58 -22.73 4.67
C ASN B 163 23.38 -22.73 5.61
N GLY B 164 22.18 -22.46 5.09
CA GLY B 164 20.99 -22.37 5.91
C GLY B 164 20.77 -21.03 6.56
N LYS B 165 21.62 -20.04 6.28
CA LYS B 165 21.47 -18.71 6.86
C LYS B 165 21.92 -17.68 5.84
N GLY B 166 21.41 -16.47 6.00
CA GLY B 166 21.78 -15.38 5.10
C GLY B 166 20.84 -14.22 5.25
N SER B 167 21.10 -13.19 4.45
CA SER B 167 20.27 -11.99 4.47
C SER B 167 20.51 -11.23 3.16
N LEU B 168 19.47 -11.11 2.35
CA LEU B 168 19.56 -10.36 1.10
C LEU B 168 18.86 -9.01 1.24
N ILE B 169 19.52 -7.97 0.75
CA ILE B 169 19.03 -6.61 0.87
C ILE B 169 19.00 -5.94 -0.49
N ILE B 170 17.84 -5.98 -1.16
CA ILE B 170 17.72 -5.33 -2.45
C ILE B 170 17.49 -3.84 -2.24
N THR B 171 18.18 -3.03 -3.04
CA THR B 171 18.13 -1.58 -2.92
C THR B 171 17.21 -1.04 -4.02
N SER B 172 15.91 -1.04 -3.73
CA SER B 172 14.93 -0.43 -4.61
C SER B 172 14.87 1.06 -4.33
N SER B 173 13.87 1.75 -4.85
CA SER B 173 13.72 3.18 -4.61
C SER B 173 12.26 3.48 -4.28
N ILE B 174 12.01 4.71 -3.83
CA ILE B 174 10.64 5.17 -3.65
C ILE B 174 9.85 5.16 -4.94
N SER B 175 10.54 5.07 -6.08
CA SER B 175 9.88 4.92 -7.38
C SER B 175 9.08 3.62 -7.46
N GLY B 176 9.37 2.65 -6.60
CA GLY B 176 8.55 1.45 -6.50
C GLY B 176 7.29 1.64 -5.71
N LYS B 177 7.05 2.81 -5.13
CA LYS B 177 5.81 3.13 -4.43
C LYS B 177 5.14 4.40 -4.93
N ILE B 178 5.87 5.33 -5.54
CA ILE B 178 5.32 6.58 -6.03
C ILE B 178 5.86 6.81 -7.45
N VAL B 179 5.47 7.94 -8.04
CA VAL B 179 5.94 8.37 -9.34
C VAL B 179 6.62 9.72 -9.14
N ASN B 180 7.88 9.83 -9.54
CA ASN B 180 8.62 11.08 -9.38
C ASN B 180 7.91 12.21 -10.11
N ILE B 181 7.64 13.29 -9.39
CA ILE B 181 6.79 14.36 -9.88
C ILE B 181 7.47 15.12 -11.01
N PRO B 182 8.57 15.83 -10.75
CA PRO B 182 9.13 16.70 -11.81
C PRO B 182 9.62 15.93 -13.03
N GLN B 183 10.54 14.99 -12.82
CA GLN B 183 11.02 14.17 -13.93
C GLN B 183 10.03 13.07 -14.27
N LEU B 184 10.03 12.66 -15.52
CA LEU B 184 9.14 11.61 -16.02
C LEU B 184 10.00 10.42 -16.41
N GLN B 185 10.07 9.43 -15.52
CA GLN B 185 10.89 8.23 -15.71
C GLN B 185 10.00 7.01 -15.44
N ALA B 186 9.29 6.55 -16.47
CA ALA B 186 8.42 5.40 -16.32
C ALA B 186 9.22 4.10 -16.32
N PRO B 187 10.19 3.95 -17.23
CA PRO B 187 11.00 2.71 -17.20
C PRO B 187 11.72 2.49 -15.89
N TYR B 188 12.19 3.56 -15.23
CA TYR B 188 12.88 3.41 -13.97
C TYR B 188 11.93 3.00 -12.86
N ASN B 189 10.76 3.64 -12.80
CA ASN B 189 9.78 3.29 -11.77
C ASN B 189 9.31 1.84 -11.94
N THR B 190 9.10 1.42 -13.20
CA THR B 190 8.64 0.05 -13.44
C THR B 190 9.66 -0.97 -12.95
N ALA B 191 10.94 -0.73 -13.20
CA ALA B 191 11.99 -1.65 -12.77
C ALA B 191 12.14 -1.71 -11.26
N LYS B 192 11.97 -0.60 -10.57
CA LYS B 192 12.17 -0.57 -9.12
C LYS B 192 11.00 -1.22 -8.38
N ALA B 193 9.77 -1.05 -8.87
CA ALA B 193 8.65 -1.80 -8.30
C ALA B 193 8.84 -3.29 -8.51
N ALA B 194 9.40 -3.68 -9.66
CA ALA B 194 9.67 -5.08 -9.91
C ALA B 194 10.65 -5.63 -8.87
N CYS B 195 11.72 -4.89 -8.59
CA CYS B 195 12.68 -5.34 -7.58
C CYS B 195 12.05 -5.38 -6.20
N THR B 196 11.24 -4.36 -5.87
CA THR B 196 10.59 -4.31 -4.58
C THR B 196 9.66 -5.48 -4.34
N HIS B 197 8.91 -5.90 -5.36
CA HIS B 197 8.03 -7.05 -5.22
C HIS B 197 8.77 -8.38 -5.37
N LEU B 198 9.88 -8.42 -6.10
CA LEU B 198 10.73 -9.60 -6.15
C LEU B 198 11.36 -9.90 -4.81
N ALA B 199 11.75 -8.86 -4.07
CA ALA B 199 12.28 -9.07 -2.72
C ALA B 199 11.24 -9.75 -1.84
N LYS B 200 9.99 -9.29 -1.91
CA LYS B 200 8.93 -9.93 -1.14
C LYS B 200 8.66 -11.35 -1.61
N SER B 201 8.64 -11.58 -2.93
CA SER B 201 8.38 -12.91 -3.45
C SER B 201 9.46 -13.91 -3.03
N LEU B 202 10.72 -13.51 -3.08
CA LEU B 202 11.81 -14.39 -2.66
C LEU B 202 11.78 -14.67 -1.16
N ALA B 203 11.16 -13.78 -0.38
CA ALA B 203 11.08 -14.01 1.06
C ALA B 203 10.30 -15.26 1.39
N ILE B 204 9.19 -15.51 0.68
CA ILE B 204 8.41 -16.72 0.94
C ILE B 204 9.21 -17.97 0.59
N GLU B 205 9.93 -17.95 -0.53
CA GLU B 205 10.71 -19.11 -0.96
C GLU B 205 12.00 -19.28 -0.17
N TRP B 206 12.64 -18.19 0.26
CA TRP B 206 13.88 -18.25 1.03
C TRP B 206 13.63 -18.28 2.53
N ALA B 207 12.37 -18.34 2.95
CA ALA B 207 12.02 -18.34 4.36
C ALA B 207 12.76 -19.44 5.12
N PRO B 208 12.85 -20.66 4.58
CA PRO B 208 13.49 -21.74 5.34
C PRO B 208 14.92 -21.43 5.76
N PHE B 209 15.70 -20.75 4.90
CA PHE B 209 17.11 -20.50 5.20
C PHE B 209 17.44 -19.02 5.35
N ALA B 210 17.10 -18.19 4.36
CA ALA B 210 17.56 -16.82 4.32
C ALA B 210 16.42 -15.84 4.53
N ARG B 211 16.74 -14.55 4.49
CA ARG B 211 15.78 -13.47 4.59
C ARG B 211 16.03 -12.46 3.48
N VAL B 212 14.97 -11.83 3.00
CA VAL B 212 15.04 -10.85 1.92
C VAL B 212 14.30 -9.59 2.35
N ASN B 213 14.92 -8.44 2.13
CA ASN B 213 14.33 -7.17 2.51
C ASN B 213 14.73 -6.10 1.50
N THR B 214 14.14 -4.91 1.66
CA THR B 214 14.37 -3.78 0.78
C THR B 214 14.68 -2.54 1.60
N ILE B 215 15.51 -1.66 1.04
CA ILE B 215 15.99 -0.47 1.73
C ILE B 215 15.61 0.76 0.91
N SER B 216 14.45 0.72 0.26
CA SER B 216 14.02 1.78 -0.66
C SER B 216 14.34 3.16 -0.09
N PRO B 217 15.29 3.88 -0.67
CA PRO B 217 15.61 5.23 -0.19
C PRO B 217 14.79 6.29 -0.91
N GLY B 218 14.99 7.54 -0.48
CA GLY B 218 14.38 8.68 -1.13
C GLY B 218 15.33 9.38 -2.07
N TYR B 219 15.45 10.69 -1.94
CA TYR B 219 16.34 11.49 -2.78
C TYR B 219 17.67 11.70 -2.08
N ILE B 220 18.45 10.62 -2.02
CA ILE B 220 19.76 10.68 -1.38
C ILE B 220 20.70 11.54 -2.22
N ASP B 221 21.69 12.15 -1.55
CA ASP B 221 22.65 13.03 -2.21
C ASP B 221 23.87 12.21 -2.61
N THR B 222 23.75 11.55 -3.76
CA THR B 222 24.82 10.76 -4.36
C THR B 222 25.13 11.30 -5.75
N ASP B 223 25.99 10.58 -6.47
CA ASP B 223 26.35 10.98 -7.83
C ASP B 223 25.22 10.78 -8.82
N ILE B 224 24.12 10.14 -8.42
CA ILE B 224 23.00 9.91 -9.32
C ILE B 224 22.13 11.14 -9.43
N THR B 225 21.83 11.81 -8.31
CA THR B 225 20.95 12.95 -8.29
C THR B 225 21.69 14.28 -8.42
N ASP B 226 23.02 14.27 -8.48
CA ASP B 226 23.79 15.50 -8.62
C ASP B 226 24.04 15.83 -10.08
N PHE B 227 22.98 15.79 -10.88
CA PHE B 227 23.02 16.26 -12.25
C PHE B 227 21.76 17.05 -12.58
N ALA B 228 20.68 16.80 -11.83
CA ALA B 228 19.41 17.45 -12.12
C ALA B 228 19.51 18.95 -11.92
N SER B 229 18.80 19.69 -12.75
CA SER B 229 18.80 21.14 -12.67
C SER B 229 18.26 21.60 -11.32
N LYS B 230 18.82 22.70 -10.80
CA LYS B 230 18.36 23.24 -9.53
C LYS B 230 16.87 23.53 -9.54
N ASP B 231 16.30 23.84 -10.70
CA ASP B 231 14.85 23.96 -10.80
C ASP B 231 14.18 22.63 -10.51
N MET B 232 14.71 21.53 -11.05
CA MET B 232 14.17 20.22 -10.73
C MET B 232 14.43 19.85 -9.27
N LYS B 233 15.65 20.11 -8.78
CA LYS B 233 16.00 19.81 -7.40
C LYS B 233 15.27 20.68 -6.40
N ALA B 234 14.74 21.83 -6.83
CA ALA B 234 13.94 22.67 -5.95
C ALA B 234 12.55 22.10 -5.69
N LYS B 235 11.99 21.36 -6.64
CA LYS B 235 10.70 20.71 -6.45
C LYS B 235 10.80 19.45 -5.58
N TRP B 236 11.99 18.89 -5.43
CA TRP B 236 12.21 17.78 -4.51
C TRP B 236 12.17 18.21 -3.05
N TRP B 237 12.78 19.36 -2.73
CA TRP B 237 12.75 19.86 -1.37
C TRP B 237 11.35 20.30 -0.97
N GLN B 238 10.62 20.94 -1.90
CA GLN B 238 9.28 21.44 -1.62
C GLN B 238 8.29 20.33 -1.30
N LEU B 239 8.56 19.09 -1.73
CA LEU B 239 7.63 17.98 -1.53
C LEU B 239 8.17 16.96 -0.54
N THR B 240 9.23 17.30 0.19
CA THR B 240 9.80 16.42 1.21
C THR B 240 9.52 17.00 2.58
N PRO B 241 8.73 16.34 3.45
CA PRO B 241 8.46 16.89 4.78
C PRO B 241 9.71 17.39 5.48
N LEU B 242 10.76 16.57 5.52
CA LEU B 242 12.01 16.99 6.12
C LEU B 242 12.65 18.15 5.36
N GLY B 243 12.25 18.37 4.10
CA GLY B 243 12.70 19.53 3.35
C GLY B 243 14.18 19.56 3.06
N ARG B 244 14.73 18.45 2.61
CA ARG B 244 16.14 18.40 2.20
C ARG B 244 16.38 17.08 1.49
N GLU B 245 17.64 16.85 1.12
CA GLU B 245 18.07 15.61 0.48
C GLU B 245 18.91 14.82 1.47
N GLY B 246 18.58 13.55 1.64
CA GLY B 246 19.29 12.71 2.57
C GLY B 246 20.73 12.46 2.14
N LEU B 247 21.57 12.19 3.14
CA LEU B 247 22.97 11.90 2.93
C LEU B 247 23.20 10.39 2.96
N THR B 248 24.32 9.97 2.40
CA THR B 248 24.67 8.55 2.36
C THR B 248 24.92 7.97 3.74
N GLN B 249 25.21 8.80 4.75
CA GLN B 249 25.39 8.34 6.11
C GLN B 249 24.08 8.13 6.84
N GLU B 250 22.97 8.59 6.29
CA GLU B 250 21.65 8.38 6.87
C GLU B 250 21.00 7.09 6.38
N LEU B 251 21.71 6.29 5.58
CA LEU B 251 21.18 5.04 5.05
C LEU B 251 21.89 3.85 5.66
N VAL B 252 23.12 4.05 6.14
CA VAL B 252 23.90 2.95 6.68
C VAL B 252 23.18 2.32 7.87
N GLY B 253 22.53 3.13 8.69
CA GLY B 253 21.79 2.58 9.82
C GLY B 253 20.74 1.58 9.40
N GLY B 254 19.98 1.91 8.35
CA GLY B 254 19.00 0.98 7.83
C GLY B 254 19.60 -0.25 7.19
N TYR B 255 20.73 -0.11 6.50
CA TYR B 255 21.39 -1.24 5.86
C TYR B 255 22.04 -2.18 6.87
N LEU B 256 22.64 -1.65 7.93
CA LEU B 256 23.22 -2.48 8.98
C LEU B 256 22.18 -3.12 9.88
N TYR B 257 20.98 -2.54 9.95
CA TYR B 257 19.90 -3.11 10.75
C TYR B 257 19.26 -4.33 10.11
N LEU B 258 19.18 -4.37 8.77
CA LEU B 258 18.59 -5.50 8.06
C LEU B 258 19.62 -6.58 7.71
N ALA B 259 20.90 -6.34 7.96
CA ALA B 259 21.94 -7.33 7.72
C ALA B 259 22.41 -8.05 8.97
N SER B 260 22.29 -7.42 10.13
CA SER B 260 22.74 -8.02 11.39
C SER B 260 21.62 -8.87 11.99
N ASN B 261 21.87 -9.38 13.20
CA ASN B 261 20.91 -10.21 13.91
C ASN B 261 19.81 -9.37 14.57
N ALA B 262 19.91 -8.05 14.53
CA ALA B 262 18.86 -7.22 15.12
C ALA B 262 17.53 -7.46 14.42
N SER B 263 17.55 -7.56 13.09
CA SER B 263 16.34 -7.84 12.31
C SER B 263 16.27 -9.33 12.01
N THR B 264 16.15 -10.12 13.07
CA THR B 264 16.04 -11.57 12.95
C THR B 264 14.60 -12.02 12.71
N PHE B 265 13.65 -11.10 12.70
CA PHE B 265 12.26 -11.41 12.38
C PHE B 265 11.70 -10.58 11.24
N THR B 266 12.46 -9.64 10.70
CA THR B 266 12.01 -8.81 9.58
C THR B 266 12.34 -9.52 8.28
N THR B 267 11.33 -10.13 7.68
CA THR B 267 11.47 -10.86 6.42
C THR B 267 10.49 -10.30 5.40
N GLY B 268 10.98 -9.98 4.21
CA GLY B 268 10.13 -9.45 3.16
C GLY B 268 9.49 -8.13 3.51
N SER B 269 10.18 -7.26 4.25
CA SER B 269 9.67 -5.96 4.62
C SER B 269 10.20 -4.92 3.65
N ASP B 270 9.98 -3.64 3.97
CA ASP B 270 10.46 -2.55 3.13
C ASP B 270 10.71 -1.34 4.03
N VAL B 271 11.98 -1.09 4.35
CA VAL B 271 12.36 0.07 5.15
C VAL B 271 12.51 1.26 4.22
N VAL B 272 11.62 2.25 4.37
CA VAL B 272 11.57 3.38 3.46
C VAL B 272 12.28 4.57 4.09
N ILE B 273 13.57 4.73 3.79
CA ILE B 273 14.32 5.90 4.21
C ILE B 273 14.15 6.99 3.15
N ASP B 274 13.06 7.73 3.23
CA ASP B 274 12.70 8.71 2.21
C ASP B 274 12.62 10.14 2.73
N GLY B 275 12.71 10.35 4.05
CA GLY B 275 12.48 11.66 4.61
C GLY B 275 11.03 12.05 4.68
N GLY B 276 10.11 11.11 4.50
CA GLY B 276 8.69 11.41 4.48
C GLY B 276 8.13 11.75 3.12
N TYR B 277 8.85 11.48 2.04
CA TYR B 277 8.39 11.83 0.71
C TYR B 277 7.14 11.06 0.28
N THR B 278 7.03 9.79 0.65
CA THR B 278 5.91 8.97 0.23
C THR B 278 4.65 9.23 1.04
N CYS B 279 4.72 10.01 2.12
CA CYS B 279 3.55 10.28 2.94
C CYS B 279 2.62 11.28 2.26
N PRO B 280 3.11 12.44 1.82
CA PRO B 280 2.21 13.40 1.15
C PRO B 280 1.41 12.77 0.01
N SER C 1 3.60 32.48 -18.02
CA SER C 1 4.10 33.88 -17.97
C SER C 1 3.87 34.47 -16.58
N MET C 2 2.68 35.04 -16.37
CA MET C 2 2.34 35.65 -15.09
C MET C 2 0.87 35.40 -14.80
N GLY C 3 0.58 34.97 -13.57
CA GLY C 3 -0.78 34.75 -13.14
C GLY C 3 -1.31 33.35 -13.39
N GLU C 4 -0.65 32.57 -14.25
CA GLU C 4 -1.09 31.21 -14.57
C GLU C 4 -0.31 30.20 -13.74
N ILE C 5 -0.93 29.05 -13.51
CA ILE C 5 -0.33 27.98 -12.72
C ILE C 5 0.16 26.88 -13.65
N GLU C 6 1.36 26.38 -13.39
CA GLU C 6 1.95 25.30 -14.19
C GLU C 6 2.08 24.06 -13.31
N SER C 7 1.62 22.93 -13.84
CA SER C 7 1.59 21.69 -13.07
C SER C 7 2.99 21.24 -12.70
N TYR C 8 3.11 20.67 -11.50
CA TYR C 8 4.35 20.05 -11.05
C TYR C 8 4.57 18.66 -11.65
N CYS C 9 3.50 17.92 -11.93
CA CYS C 9 3.64 16.55 -12.41
C CYS C 9 4.00 16.52 -13.89
N ASN C 10 3.13 17.06 -14.73
CA ASN C 10 3.34 17.10 -16.18
C ASN C 10 3.14 18.53 -16.64
N LYS C 11 4.23 19.15 -17.11
CA LYS C 11 4.17 20.56 -17.52
C LYS C 11 3.41 20.78 -18.82
N GLU C 12 3.03 19.72 -19.52
CA GLU C 12 2.31 19.84 -20.79
C GLU C 12 0.80 19.95 -20.59
N LEU C 13 0.31 19.88 -19.36
CA LEU C 13 -1.11 20.02 -19.12
C LEU C 13 -1.62 21.40 -19.53
N GLY C 14 -0.75 22.40 -19.52
CA GLY C 14 -1.12 23.75 -19.87
C GLY C 14 -1.43 24.58 -18.65
N PRO C 15 -2.00 25.77 -18.85
CA PRO C 15 -2.34 26.61 -17.70
C PRO C 15 -3.46 26.01 -16.86
N LEU C 16 -3.12 25.58 -15.64
CA LEU C 16 -4.10 24.94 -14.79
C LEU C 16 -5.15 25.94 -14.32
N PRO C 17 -6.35 25.46 -13.94
CA PRO C 17 -6.82 24.07 -13.98
C PRO C 17 -7.30 23.64 -15.36
N THR C 18 -7.09 22.38 -15.73
CA THR C 18 -7.59 21.90 -17.01
C THR C 18 -9.11 21.83 -17.00
N LYS C 19 -9.72 22.23 -18.12
CA LYS C 19 -11.17 22.23 -18.22
C LYS C 19 -11.71 20.82 -18.05
N ALA C 20 -12.77 20.69 -17.26
CA ALA C 20 -13.38 19.39 -17.03
C ALA C 20 -14.16 18.94 -18.26
N PRO C 21 -14.25 17.63 -18.48
CA PRO C 21 -14.98 17.13 -19.66
C PRO C 21 -16.48 17.28 -19.50
N THR C 22 -17.18 17.18 -20.63
CA THR C 22 -18.63 17.26 -20.67
C THR C 22 -19.19 15.85 -20.53
N LEU C 23 -20.01 15.63 -19.51
CA LEU C 23 -20.54 14.32 -19.19
C LEU C 23 -22.06 14.33 -19.27
N SER C 24 -22.64 13.18 -19.62
CA SER C 24 -24.07 13.05 -19.70
C SER C 24 -24.70 13.27 -18.32
N LYS C 25 -26.02 13.39 -18.31
CA LYS C 25 -26.77 13.59 -17.08
C LYS C 25 -27.27 12.29 -16.47
N ASN C 26 -27.67 11.32 -17.29
CA ASN C 26 -28.11 10.02 -16.81
C ASN C 26 -26.90 9.14 -16.55
N VAL C 27 -26.88 8.48 -15.39
CA VAL C 27 -25.73 7.65 -15.03
C VAL C 27 -25.59 6.47 -15.98
N LEU C 28 -26.70 5.82 -16.35
CA LEU C 28 -26.63 4.64 -17.19
C LEU C 28 -26.13 4.95 -18.60
N ASP C 29 -26.23 6.19 -19.05
CA ASP C 29 -25.74 6.60 -20.37
C ASP C 29 -24.26 6.92 -20.35
N LEU C 30 -23.63 6.96 -19.18
CA LEU C 30 -22.19 7.18 -19.09
C LEU C 30 -21.39 5.94 -19.45
N PHE C 31 -21.93 4.75 -19.18
CA PHE C 31 -21.23 3.50 -19.41
C PHE C 31 -21.28 3.04 -20.86
N SER C 32 -22.06 3.72 -21.71
CA SER C 32 -22.20 3.34 -23.10
C SER C 32 -20.93 3.69 -23.87
N LEU C 33 -20.49 2.77 -24.73
CA LEU C 33 -19.30 2.96 -25.55
C LEU C 33 -19.66 3.19 -27.02
N LYS C 34 -20.86 3.69 -27.29
CA LYS C 34 -21.31 3.89 -28.67
C LYS C 34 -20.33 4.79 -29.42
N GLY C 35 -20.00 4.39 -30.64
CA GLY C 35 -19.07 5.15 -31.46
C GLY C 35 -17.66 5.18 -30.93
N LYS C 36 -17.18 4.08 -30.37
CA LYS C 36 -15.82 3.98 -29.85
C LYS C 36 -15.21 2.65 -30.29
N VAL C 37 -13.92 2.68 -30.61
CA VAL C 37 -13.17 1.48 -30.96
C VAL C 37 -12.39 1.03 -29.73
N ALA C 38 -12.50 -0.26 -29.40
CA ALA C 38 -11.88 -0.81 -28.19
C ALA C 38 -11.03 -2.02 -28.61
N SER C 39 -9.73 -1.80 -28.73
CA SER C 39 -8.79 -2.87 -29.06
C SER C 39 -8.40 -3.58 -27.77
N VAL C 40 -8.78 -4.86 -27.66
CA VAL C 40 -8.51 -5.66 -26.46
C VAL C 40 -7.44 -6.68 -26.81
N THR C 41 -6.29 -6.57 -26.16
CA THR C 41 -5.20 -7.49 -26.39
C THR C 41 -5.49 -8.84 -25.73
N GLY C 42 -5.07 -9.91 -26.40
CA GLY C 42 -5.31 -11.25 -25.90
C GLY C 42 -6.78 -11.55 -25.75
N SER C 43 -7.57 -11.19 -26.76
CA SER C 43 -9.02 -11.34 -26.73
C SER C 43 -9.48 -12.71 -27.20
N SER C 44 -8.60 -13.71 -27.17
CA SER C 44 -8.94 -15.08 -27.53
C SER C 44 -8.70 -16.03 -26.38
N GLY C 45 -8.82 -15.53 -25.15
CA GLY C 45 -8.59 -16.31 -23.95
C GLY C 45 -9.84 -16.34 -23.08
N GLY C 46 -9.62 -16.31 -21.77
CA GLY C 46 -10.71 -16.36 -20.82
C GLY C 46 -11.22 -14.99 -20.43
N ILE C 47 -10.33 -14.12 -19.98
CA ILE C 47 -10.73 -12.76 -19.60
C ILE C 47 -10.82 -11.82 -20.79
N GLY C 48 -9.96 -12.00 -21.79
CA GLY C 48 -9.98 -11.14 -22.97
C GLY C 48 -11.24 -11.29 -23.78
N TRP C 49 -11.70 -12.53 -23.96
CA TRP C 49 -12.93 -12.77 -24.72
C TRP C 49 -14.14 -12.18 -24.01
N ALA C 50 -14.22 -12.33 -22.69
CA ALA C 50 -15.35 -11.77 -21.95
C ALA C 50 -15.36 -10.24 -22.04
N VAL C 51 -14.18 -9.61 -21.91
CA VAL C 51 -14.12 -8.16 -22.01
C VAL C 51 -14.46 -7.69 -23.41
N ALA C 52 -14.01 -8.41 -24.45
CA ALA C 52 -14.36 -8.04 -25.82
C ALA C 52 -15.87 -8.12 -26.04
N GLU C 53 -16.49 -9.19 -25.56
CA GLU C 53 -17.95 -9.32 -25.71
C GLU C 53 -18.68 -8.22 -24.94
N ALA C 54 -18.23 -7.93 -23.72
CA ALA C 54 -18.85 -6.87 -22.93
C ALA C 54 -18.72 -5.51 -23.60
N TYR C 55 -17.57 -5.20 -24.18
CA TYR C 55 -17.41 -3.97 -24.94
C TYR C 55 -18.28 -3.94 -26.19
N ALA C 56 -18.40 -5.08 -26.88
CA ALA C 56 -19.31 -5.15 -28.03
C ALA C 56 -20.77 -4.98 -27.60
N GLN C 57 -21.15 -5.55 -26.46
CA GLN C 57 -22.51 -5.39 -25.97
C GLN C 57 -22.83 -3.93 -25.69
N ALA C 58 -21.82 -3.12 -25.37
CA ALA C 58 -21.99 -1.70 -25.14
C ALA C 58 -21.87 -0.88 -26.41
N GLY C 59 -21.88 -1.52 -27.57
CA GLY C 59 -21.78 -0.81 -28.83
C GLY C 59 -20.40 -0.25 -29.09
N ALA C 60 -19.41 -1.14 -29.23
CA ALA C 60 -18.04 -0.72 -29.51
C ALA C 60 -17.47 -1.61 -30.60
N ASP C 61 -16.63 -1.01 -31.45
CA ASP C 61 -15.96 -1.75 -32.52
C ASP C 61 -14.72 -2.40 -31.93
N VAL C 62 -14.91 -3.61 -31.41
CA VAL C 62 -13.83 -4.31 -30.71
C VAL C 62 -12.92 -5.00 -31.72
N ALA C 63 -11.62 -5.04 -31.41
CA ALA C 63 -10.61 -5.68 -32.24
C ALA C 63 -10.07 -6.87 -31.47
N ILE C 64 -10.13 -8.06 -32.08
CA ILE C 64 -9.68 -9.28 -31.40
C ILE C 64 -8.20 -9.51 -31.67
N TRP C 65 -7.52 -10.08 -30.67
CA TRP C 65 -6.11 -10.42 -30.77
C TRP C 65 -5.93 -11.89 -30.46
N TYR C 66 -4.99 -12.53 -31.16
CA TYR C 66 -4.64 -13.92 -30.85
C TYR C 66 -3.21 -14.18 -31.30
N ASN C 67 -2.61 -15.23 -30.73
CA ASN C 67 -1.24 -15.60 -31.06
C ASN C 67 -1.16 -16.99 -31.67
N SER C 68 -1.71 -17.98 -30.96
CA SER C 68 -1.64 -19.38 -31.39
C SER C 68 -2.99 -20.08 -31.40
N HIS C 69 -4.01 -19.51 -30.77
CA HIS C 69 -5.37 -20.05 -30.85
C HIS C 69 -6.18 -19.19 -31.80
N PRO C 70 -6.30 -19.57 -33.07
CA PRO C 70 -6.99 -18.69 -34.03
C PRO C 70 -8.39 -18.34 -33.56
N ALA C 71 -8.71 -17.04 -33.59
CA ALA C 71 -10.01 -16.53 -33.17
C ALA C 71 -10.53 -15.63 -34.29
N ASP C 72 -11.16 -16.25 -35.29
CA ASP C 72 -11.87 -15.53 -36.34
C ASP C 72 -13.36 -15.78 -36.31
N GLU C 73 -13.81 -16.90 -35.74
CA GLU C 73 -15.22 -17.09 -35.46
C GLU C 73 -15.68 -16.27 -34.27
N LYS C 74 -14.76 -15.89 -33.39
CA LYS C 74 -15.09 -14.98 -32.30
C LYS C 74 -15.34 -13.57 -32.81
N ALA C 75 -14.47 -13.08 -33.71
CA ALA C 75 -14.69 -11.77 -34.29
C ALA C 75 -15.95 -11.73 -35.13
N GLU C 76 -16.21 -12.78 -35.91
CA GLU C 76 -17.43 -12.85 -36.70
C GLU C 76 -18.66 -12.94 -35.82
N HIS C 77 -18.57 -13.67 -34.69
CA HIS C 77 -19.69 -13.76 -33.77
C HIS C 77 -20.09 -12.43 -33.18
N LEU C 78 -19.15 -11.49 -33.04
CA LEU C 78 -19.45 -10.16 -32.53
C LEU C 78 -19.94 -9.21 -33.62
N GLN C 79 -19.73 -9.54 -34.89
CA GLN C 79 -20.16 -8.70 -36.00
C GLN C 79 -21.54 -9.08 -36.52
N LYS C 80 -22.15 -10.12 -35.97
CA LYS C 80 -23.49 -10.55 -36.37
C LYS C 80 -24.48 -10.66 -35.22
N THR C 81 -24.01 -10.69 -33.98
CA THR C 81 -24.90 -10.72 -32.82
C THR C 81 -25.18 -9.33 -32.24
N TYR C 82 -24.27 -8.38 -32.46
CA TYR C 82 -24.44 -7.02 -31.95
C TYR C 82 -24.30 -5.94 -33.02
N GLY C 83 -23.92 -6.28 -34.24
CA GLY C 83 -23.78 -5.29 -35.29
C GLY C 83 -22.70 -4.27 -35.04
N VAL C 84 -21.53 -4.70 -34.57
CA VAL C 84 -20.41 -3.82 -34.31
C VAL C 84 -19.22 -4.32 -35.11
N HIS C 85 -18.58 -3.42 -35.86
CA HIS C 85 -17.43 -3.78 -36.66
C HIS C 85 -16.34 -4.40 -35.78
N SER C 86 -15.80 -5.53 -36.22
CA SER C 86 -14.78 -6.25 -35.47
C SER C 86 -13.86 -6.98 -36.44
N LYS C 87 -12.67 -7.32 -35.95
CA LYS C 87 -11.68 -8.03 -36.75
C LYS C 87 -10.72 -8.74 -35.80
N ALA C 88 -9.99 -9.70 -36.35
CA ALA C 88 -9.05 -10.51 -35.58
C ALA C 88 -7.65 -10.34 -36.15
N TYR C 89 -6.67 -10.14 -35.27
CA TYR C 89 -5.29 -9.92 -35.65
C TYR C 89 -4.38 -10.91 -34.93
N LYS C 90 -3.40 -11.44 -35.66
CA LYS C 90 -2.41 -12.37 -35.13
C LYS C 90 -1.13 -11.59 -34.87
N CYS C 91 -0.79 -11.43 -33.59
CA CYS C 91 0.39 -10.68 -33.20
C CYS C 91 1.11 -11.40 -32.08
N ASN C 92 2.44 -11.36 -32.11
CA ASN C 92 3.27 -11.88 -31.03
C ASN C 92 3.63 -10.70 -30.14
N ILE C 93 2.99 -10.63 -28.97
CA ILE C 93 3.10 -9.48 -28.09
C ILE C 93 4.56 -9.28 -27.66
N SER C 94 5.34 -10.35 -27.67
CA SER C 94 6.74 -10.28 -27.30
C SER C 94 7.64 -9.77 -28.42
N ASP C 95 7.09 -9.50 -29.60
CA ASP C 95 7.87 -8.99 -30.72
C ASP C 95 7.68 -7.48 -30.82
N PRO C 96 8.72 -6.68 -30.60
CA PRO C 96 8.52 -5.22 -30.65
C PRO C 96 7.96 -4.72 -31.98
N LYS C 97 8.39 -5.31 -33.10
CA LYS C 97 7.95 -4.82 -34.40
C LYS C 97 6.57 -5.32 -34.78
N SER C 98 6.22 -6.55 -34.37
CA SER C 98 4.90 -7.08 -34.70
C SER C 98 3.80 -6.27 -34.05
N VAL C 99 4.02 -5.81 -32.81
CA VAL C 99 3.01 -5.01 -32.13
C VAL C 99 2.76 -3.71 -32.90
N GLU C 100 3.82 -3.06 -33.36
CA GLU C 100 3.65 -1.83 -34.12
C GLU C 100 2.87 -2.07 -35.40
N GLU C 101 3.16 -3.16 -36.10
CA GLU C 101 2.44 -3.47 -37.34
C GLU C 101 0.97 -3.76 -37.05
N THR C 102 0.68 -4.49 -35.98
CA THR C 102 -0.68 -4.88 -35.66
C THR C 102 -1.52 -3.74 -35.12
N ILE C 103 -0.91 -2.72 -34.51
CA ILE C 103 -1.64 -1.56 -34.04
C ILE C 103 -1.84 -0.53 -35.14
N SER C 104 -0.86 -0.31 -36.01
CA SER C 104 -1.05 0.57 -37.15
C SER C 104 -2.06 0.01 -38.13
N GLN C 105 -2.22 -1.31 -38.18
CA GLN C 105 -3.23 -1.95 -39.01
C GLN C 105 -4.61 -1.90 -38.39
N GLN C 106 -4.72 -1.51 -37.11
CA GLN C 106 -6.00 -1.32 -36.46
C GLN C 106 -6.49 0.11 -36.49
N GLU C 107 -5.59 1.09 -36.47
CA GLU C 107 -5.95 2.49 -36.67
C GLU C 107 -6.35 2.79 -38.10
N LYS C 108 -6.13 1.85 -39.03
CA LYS C 108 -6.51 2.02 -40.42
C LYS C 108 -7.83 1.35 -40.77
N ASP C 109 -8.10 0.17 -40.21
CA ASP C 109 -9.36 -0.51 -40.47
C ASP C 109 -10.50 0.02 -39.62
N PHE C 110 -10.21 0.79 -38.57
CA PHE C 110 -11.24 1.34 -37.70
C PHE C 110 -11.24 2.86 -37.64
N GLY C 111 -10.21 3.54 -38.16
CA GLY C 111 -10.17 4.99 -38.14
C GLY C 111 -9.44 5.53 -36.92
N THR C 112 -9.68 4.92 -35.77
CA THR C 112 -9.05 5.36 -34.53
C THR C 112 -9.27 4.28 -33.48
N ILE C 113 -8.51 4.40 -32.39
CA ILE C 113 -8.65 3.54 -31.22
C ILE C 113 -8.93 4.42 -30.01
N ASP C 114 -10.02 4.13 -29.30
CA ASP C 114 -10.43 4.91 -28.14
C ASP C 114 -10.31 4.15 -26.83
N VAL C 115 -10.10 2.84 -26.86
CA VAL C 115 -9.96 2.05 -25.64
C VAL C 115 -9.00 0.90 -25.91
N PHE C 116 -8.00 0.75 -25.04
CA PHE C 116 -7.02 -0.33 -25.16
C PHE C 116 -6.96 -1.12 -23.86
N VAL C 117 -6.79 -2.43 -23.99
CA VAL C 117 -6.72 -3.32 -22.84
C VAL C 117 -5.55 -4.27 -23.02
N ALA C 118 -4.41 -3.94 -22.44
CA ALA C 118 -3.24 -4.82 -22.50
C ALA C 118 -3.44 -6.00 -21.55
N ASN C 119 -4.01 -7.09 -22.07
CA ASN C 119 -4.48 -8.21 -21.25
C ASN C 119 -3.97 -9.52 -21.85
N ALA C 120 -2.66 -9.58 -22.09
CA ALA C 120 -2.00 -10.79 -22.55
C ALA C 120 -0.82 -11.11 -21.65
N GLY C 121 -0.64 -12.39 -21.35
CA GLY C 121 0.45 -12.81 -20.50
C GLY C 121 0.42 -14.30 -20.28
N VAL C 122 1.50 -14.79 -19.68
CA VAL C 122 1.65 -16.21 -19.37
C VAL C 122 2.01 -16.35 -17.90
N THR C 123 1.75 -17.54 -17.36
CA THR C 123 1.97 -17.82 -15.94
C THR C 123 3.21 -18.66 -15.74
N TRP C 124 3.80 -18.54 -14.56
CA TRP C 124 5.01 -19.29 -14.19
C TRP C 124 4.57 -20.55 -13.45
N THR C 125 4.73 -21.70 -14.09
CA THR C 125 4.29 -22.96 -13.52
C THR C 125 5.46 -23.93 -13.36
N GLN C 126 6.60 -23.43 -12.87
CA GLN C 126 7.79 -24.24 -12.70
C GLN C 126 8.20 -24.41 -11.25
N GLY C 127 7.37 -24.00 -10.30
CA GLY C 127 7.69 -24.13 -8.89
C GLY C 127 8.66 -23.06 -8.44
N PRO C 128 9.33 -23.28 -7.31
CA PRO C 128 10.28 -22.27 -6.82
C PRO C 128 11.36 -21.98 -7.84
N GLU C 129 11.76 -20.71 -7.90
CA GLU C 129 12.71 -20.25 -8.91
C GLU C 129 14.14 -20.68 -8.62
N ILE C 130 14.42 -21.21 -7.43
CA ILE C 130 15.79 -21.58 -7.06
C ILE C 130 16.11 -22.98 -7.57
N ASP C 131 15.16 -23.60 -8.27
CA ASP C 131 15.36 -24.93 -8.83
C ASP C 131 15.64 -24.94 -10.32
N VAL C 132 15.31 -23.86 -11.03
CA VAL C 132 15.57 -23.76 -12.46
C VAL C 132 16.91 -23.06 -12.65
N ASP C 133 17.82 -23.70 -13.39
CA ASP C 133 19.18 -23.21 -13.57
C ASP C 133 19.37 -22.46 -14.89
N ASN C 134 18.33 -22.32 -15.70
CA ASN C 134 18.42 -21.65 -16.99
C ASN C 134 17.53 -20.41 -16.96
N TYR C 135 18.08 -19.27 -17.34
CA TYR C 135 17.33 -18.03 -17.39
C TYR C 135 16.55 -17.93 -18.70
N ASP C 136 15.78 -18.96 -19.02
CA ASP C 136 14.94 -18.96 -20.21
C ASP C 136 13.46 -18.90 -19.89
N SER C 137 13.04 -19.40 -18.72
CA SER C 137 11.67 -19.24 -18.28
C SER C 137 11.43 -17.89 -17.61
N TRP C 138 12.42 -17.39 -16.86
CA TRP C 138 12.34 -16.04 -16.33
C TRP C 138 12.34 -15.01 -17.47
N ASN C 139 13.20 -15.20 -18.46
CA ASN C 139 13.26 -14.27 -19.58
C ASN C 139 11.97 -14.26 -20.39
N LYS C 140 11.25 -15.38 -20.45
CA LYS C 140 9.98 -15.43 -21.16
C LYS C 140 8.90 -14.66 -20.42
N ILE C 141 8.82 -14.79 -19.10
CA ILE C 141 7.81 -14.07 -18.33
C ILE C 141 8.01 -12.57 -18.48
N ILE C 142 9.26 -12.09 -18.36
CA ILE C 142 9.55 -10.67 -18.48
C ILE C 142 9.38 -10.16 -19.91
N SER C 143 9.29 -11.06 -20.89
CA SER C 143 9.13 -10.68 -22.29
C SER C 143 7.68 -10.57 -22.72
N VAL C 144 6.80 -11.41 -22.19
CA VAL C 144 5.39 -11.38 -22.57
C VAL C 144 4.55 -10.56 -21.58
N ASP C 145 4.86 -10.64 -20.29
CA ASP C 145 4.05 -9.97 -19.28
C ASP C 145 4.43 -8.50 -19.10
N LEU C 146 5.73 -8.20 -19.07
CA LEU C 146 6.20 -6.84 -18.81
C LEU C 146 6.58 -6.11 -20.09
N ASN C 147 7.51 -6.66 -20.87
CA ASN C 147 7.95 -5.98 -22.09
C ASN C 147 6.79 -5.86 -23.08
N GLY C 148 5.94 -6.89 -23.16
CA GLY C 148 4.80 -6.83 -24.06
C GLY C 148 3.86 -5.69 -23.73
N VAL C 149 3.60 -5.47 -22.43
CA VAL C 149 2.74 -4.37 -22.02
C VAL C 149 3.34 -3.03 -22.39
N TYR C 150 4.65 -2.87 -22.27
CA TYR C 150 5.30 -1.64 -22.71
C TYR C 150 5.24 -1.45 -24.21
N TYR C 151 5.44 -2.52 -24.99
CA TYR C 151 5.32 -2.40 -26.44
C TYR C 151 3.92 -1.98 -26.84
N CYS C 152 2.90 -2.58 -26.21
CA CYS C 152 1.53 -2.20 -26.51
C CYS C 152 1.24 -0.77 -26.07
N SER C 153 1.74 -0.36 -24.91
CA SER C 153 1.48 0.96 -24.38
C SER C 153 2.27 2.06 -25.09
N HIS C 154 3.51 1.79 -25.47
CA HIS C 154 4.33 2.79 -26.14
C HIS C 154 3.82 3.13 -27.54
N ASN C 155 3.11 2.22 -28.19
CA ASN C 155 2.53 2.46 -29.51
C ASN C 155 1.11 3.01 -29.44
N ILE C 156 0.29 2.50 -28.53
CA ILE C 156 -1.07 3.01 -28.40
C ILE C 156 -1.06 4.46 -27.91
N GLY C 157 -0.11 4.82 -27.05
CA GLY C 157 -0.03 6.18 -26.58
C GLY C 157 0.17 7.18 -27.70
N LYS C 158 0.94 6.81 -28.72
CA LYS C 158 1.15 7.70 -29.86
C LYS C 158 -0.16 7.99 -30.58
N ILE C 159 -1.12 7.07 -30.52
CA ILE C 159 -2.41 7.32 -31.14
C ILE C 159 -3.29 8.19 -30.26
N PHE C 160 -3.24 7.99 -28.93
CA PHE C 160 -4.00 8.83 -28.02
C PHE C 160 -3.55 10.28 -28.06
N LYS C 161 -2.23 10.52 -28.15
CA LYS C 161 -1.74 11.89 -28.12
C LYS C 161 -2.28 12.72 -29.28
N LYS C 162 -2.29 12.16 -30.48
CA LYS C 162 -2.83 12.88 -31.63
C LYS C 162 -4.33 13.13 -31.48
N ASN C 163 -5.06 12.12 -30.99
CA ASN C 163 -6.50 12.29 -30.79
C ASN C 163 -6.80 13.15 -29.58
N GLY C 164 -5.96 13.08 -28.55
CA GLY C 164 -6.18 13.81 -27.32
C GLY C 164 -7.10 13.13 -26.34
N LYS C 165 -7.54 11.90 -26.62
CA LYS C 165 -8.42 11.17 -25.74
C LYS C 165 -8.09 9.68 -25.84
N GLY C 166 -8.41 8.95 -24.79
CA GLY C 166 -8.17 7.53 -24.76
C GLY C 166 -8.30 6.98 -23.36
N SER C 167 -8.09 5.66 -23.25
CA SER C 167 -8.16 4.98 -21.97
C SER C 167 -7.42 3.66 -22.10
N LEU C 168 -6.34 3.50 -21.33
CA LEU C 168 -5.57 2.27 -21.31
C LEU C 168 -5.86 1.49 -20.04
N ILE C 169 -6.03 0.18 -20.20
CA ILE C 169 -6.40 -0.69 -19.09
C ILE C 169 -5.45 -1.88 -19.04
N ILE C 170 -4.42 -1.81 -18.20
CA ILE C 170 -3.49 -2.92 -18.07
C ILE C 170 -4.03 -3.94 -17.08
N THR C 171 -4.10 -5.19 -17.50
CA THR C 171 -4.64 -6.27 -16.69
C THR C 171 -3.49 -6.92 -15.92
N SER C 172 -3.15 -6.32 -14.78
CA SER C 172 -2.19 -6.92 -13.87
C SER C 172 -2.88 -7.97 -13.03
N SER C 173 -2.23 -8.44 -11.97
CA SER C 173 -2.81 -9.45 -11.09
C SER C 173 -2.62 -9.03 -9.65
N ILE C 174 -3.34 -9.70 -8.75
CA ILE C 174 -3.10 -9.52 -7.32
C ILE C 174 -1.68 -9.89 -6.93
N SER C 175 -0.96 -10.60 -7.78
CA SER C 175 0.45 -10.88 -7.58
C SER C 175 1.30 -9.61 -7.58
N GLY C 176 0.77 -8.50 -8.08
CA GLY C 176 1.42 -7.21 -7.97
C GLY C 176 1.21 -6.54 -6.63
N LYS C 177 0.45 -7.14 -5.72
CA LYS C 177 0.26 -6.63 -4.37
C LYS C 177 0.54 -7.67 -3.29
N ILE C 178 0.41 -8.96 -3.58
CA ILE C 178 0.65 -10.02 -2.60
C ILE C 178 1.56 -11.07 -3.25
N VAL C 179 1.81 -12.13 -2.49
CA VAL C 179 2.59 -13.28 -2.97
C VAL C 179 1.69 -14.49 -2.85
N ASN C 180 1.48 -15.20 -3.96
CA ASN C 180 0.63 -16.38 -3.96
C ASN C 180 1.16 -17.40 -2.97
N ILE C 181 0.29 -17.79 -2.03
CA ILE C 181 0.70 -18.61 -0.89
C ILE C 181 1.08 -20.02 -1.33
N PRO C 182 0.15 -20.83 -1.84
CA PRO C 182 0.50 -22.24 -2.11
C PRO C 182 1.58 -22.40 -3.17
N GLN C 183 1.36 -21.85 -4.36
CA GLN C 183 2.37 -21.92 -5.41
C GLN C 183 3.45 -20.88 -5.18
N LEU C 184 4.64 -21.15 -5.72
CA LEU C 184 5.80 -20.27 -5.59
C LEU C 184 6.17 -19.79 -6.99
N GLN C 185 5.72 -18.57 -7.34
CA GLN C 185 5.95 -17.98 -8.66
C GLN C 185 6.50 -16.58 -8.44
N ALA C 186 7.81 -16.46 -8.28
CA ALA C 186 8.44 -15.17 -8.07
C ALA C 186 8.55 -14.40 -9.38
N PRO C 187 8.97 -15.03 -10.47
CA PRO C 187 9.02 -14.30 -11.75
C PRO C 187 7.69 -13.72 -12.18
N TYR C 188 6.58 -14.44 -11.92
CA TYR C 188 5.27 -13.93 -12.32
C TYR C 188 4.86 -12.74 -11.46
N ASN C 189 5.09 -12.82 -10.15
CA ASN C 189 4.74 -11.70 -9.28
C ASN C 189 5.57 -10.47 -9.62
N THR C 190 6.85 -10.66 -9.94
CA THR C 190 7.70 -9.53 -10.30
C THR C 190 7.20 -8.84 -11.56
N ALA C 191 6.81 -9.60 -12.59
CA ALA C 191 6.32 -9.03 -13.82
C ALA C 191 5.00 -8.29 -13.64
N LYS C 192 4.08 -8.83 -12.84
CA LYS C 192 2.80 -8.17 -12.65
C LYS C 192 2.92 -6.93 -11.78
N ALA C 193 3.75 -6.97 -10.73
CA ALA C 193 4.02 -5.77 -9.96
C ALA C 193 4.65 -4.69 -10.82
N ALA C 194 5.44 -5.09 -11.83
CA ALA C 194 6.02 -4.12 -12.74
C ALA C 194 4.95 -3.42 -13.57
N CYS C 195 3.98 -4.19 -14.08
CA CYS C 195 2.91 -3.60 -14.87
C CYS C 195 2.02 -2.71 -14.01
N THR C 196 1.73 -3.14 -12.78
CA THR C 196 0.88 -2.37 -11.89
C THR C 196 1.45 -0.99 -11.59
N HIS C 197 2.78 -0.83 -11.64
CA HIS C 197 3.40 0.46 -11.43
C HIS C 197 3.70 1.18 -12.74
N LEU C 198 3.90 0.45 -13.83
CA LEU C 198 4.00 1.07 -15.15
C LEU C 198 2.72 1.78 -15.54
N ALA C 199 1.57 1.19 -15.20
CA ALA C 199 0.29 1.86 -15.45
C ALA C 199 0.21 3.18 -14.71
N LYS C 200 0.63 3.19 -13.44
CA LYS C 200 0.64 4.43 -12.67
C LYS C 200 1.61 5.45 -13.25
N SER C 201 2.81 5.00 -13.64
CA SER C 201 3.81 5.91 -14.19
C SER C 201 3.35 6.54 -15.49
N LEU C 202 2.74 5.74 -16.39
CA LEU C 202 2.21 6.28 -17.63
C LEU C 202 1.05 7.23 -17.40
N ALA C 203 0.32 7.08 -16.30
CA ALA C 203 -0.78 7.98 -16.01
C ALA C 203 -0.31 9.42 -15.85
N ILE C 204 0.86 9.62 -15.26
CA ILE C 204 1.39 10.98 -15.09
C ILE C 204 1.76 11.57 -16.44
N GLU C 205 2.40 10.80 -17.31
CA GLU C 205 2.81 11.28 -18.62
C GLU C 205 1.66 11.39 -19.61
N TRP C 206 0.67 10.50 -19.52
CA TRP C 206 -0.47 10.50 -20.41
C TRP C 206 -1.63 11.35 -19.87
N ALA C 207 -1.43 12.02 -18.75
CA ALA C 207 -2.47 12.83 -18.13
C ALA C 207 -3.04 13.84 -19.12
N PRO C 208 -2.22 14.52 -19.91
CA PRO C 208 -2.77 15.54 -20.81
C PRO C 208 -3.82 15.03 -21.77
N PHE C 209 -3.67 13.80 -22.28
CA PHE C 209 -4.60 13.28 -23.28
C PHE C 209 -5.35 12.05 -22.81
N ALA C 210 -4.65 11.01 -22.33
CA ALA C 210 -5.27 9.73 -22.06
C ALA C 210 -5.31 9.43 -20.57
N ARG C 211 -5.84 8.25 -20.24
CA ARG C 211 -5.90 7.76 -18.87
C ARG C 211 -5.41 6.31 -18.85
N VAL C 212 -4.78 5.92 -17.74
CA VAL C 212 -4.23 4.58 -17.57
C VAL C 212 -4.70 4.03 -16.23
N ASN C 213 -5.17 2.79 -16.24
CA ASN C 213 -5.67 2.15 -15.03
C ASN C 213 -5.34 0.67 -15.06
N THR C 214 -5.64 0.00 -13.95
CA THR C 214 -5.36 -1.42 -13.78
C THR C 214 -6.62 -2.13 -13.26
N ILE C 215 -6.77 -3.39 -13.67
CA ILE C 215 -7.95 -4.19 -13.33
C ILE C 215 -7.51 -5.44 -12.60
N SER C 216 -6.47 -5.33 -11.77
CA SER C 216 -5.86 -6.48 -11.11
C SER C 216 -6.92 -7.42 -10.56
N PRO C 217 -7.10 -8.60 -11.15
CA PRO C 217 -8.09 -9.56 -10.63
C PRO C 217 -7.49 -10.50 -9.61
N GLY C 218 -8.35 -11.36 -9.08
CA GLY C 218 -7.94 -12.39 -8.15
C GLY C 218 -7.79 -13.73 -8.84
N TYR C 219 -8.39 -14.77 -8.26
CA TYR C 219 -8.32 -16.12 -8.81
C TYR C 219 -9.54 -16.39 -9.67
N ILE C 220 -9.55 -15.76 -10.84
CA ILE C 220 -10.66 -15.92 -11.79
C ILE C 220 -10.63 -17.35 -12.34
N ASP C 221 -11.81 -17.84 -12.73
CA ASP C 221 -11.97 -19.20 -13.25
C ASP C 221 -11.83 -19.16 -14.76
N THR C 222 -10.59 -19.11 -15.22
CA THR C 222 -10.25 -19.14 -16.64
C THR C 222 -9.37 -20.37 -16.91
N ASP C 223 -8.94 -20.49 -18.16
CA ASP C 223 -8.07 -21.59 -18.56
C ASP C 223 -6.70 -21.54 -17.90
N ILE C 224 -6.32 -20.39 -17.34
CA ILE C 224 -5.03 -20.25 -16.69
C ILE C 224 -4.98 -21.02 -15.37
N THR C 225 -6.04 -20.93 -14.57
CA THR C 225 -6.08 -21.55 -13.25
C THR C 225 -6.74 -22.92 -13.25
N ASP C 226 -7.22 -23.40 -14.40
CA ASP C 226 -7.85 -24.72 -14.47
C ASP C 226 -6.83 -25.78 -14.83
N PHE C 227 -5.70 -25.78 -14.12
CA PHE C 227 -4.71 -26.85 -14.21
C PHE C 227 -4.18 -27.21 -12.83
N ALA C 228 -4.29 -26.28 -11.88
CA ALA C 228 -3.76 -26.50 -10.55
C ALA C 228 -4.47 -27.66 -9.87
N SER C 229 -3.70 -28.42 -9.08
CA SER C 229 -4.27 -29.55 -8.36
C SER C 229 -5.34 -29.07 -7.39
N LYS C 230 -6.37 -29.90 -7.20
CA LYS C 230 -7.43 -29.56 -6.27
C LYS C 230 -6.91 -29.30 -4.87
N ASP C 231 -5.78 -29.92 -4.50
CA ASP C 231 -5.14 -29.58 -3.23
C ASP C 231 -4.66 -28.14 -3.23
N MET C 232 -4.05 -27.68 -4.34
CA MET C 232 -3.66 -26.29 -4.45
C MET C 232 -4.88 -25.37 -4.54
N LYS C 233 -5.88 -25.75 -5.33
CA LYS C 233 -7.09 -24.96 -5.48
C LYS C 233 -7.93 -24.91 -4.21
N ALA C 234 -7.74 -25.87 -3.30
CA ALA C 234 -8.42 -25.85 -2.01
C ALA C 234 -7.87 -24.81 -1.06
N LYS C 235 -6.59 -24.47 -1.18
CA LYS C 235 -5.99 -23.42 -0.36
C LYS C 235 -6.33 -22.03 -0.86
N TRP C 236 -6.77 -21.90 -2.11
CA TRP C 236 -7.27 -20.63 -2.63
C TRP C 236 -8.63 -20.26 -2.06
N TRP C 237 -9.55 -21.22 -1.95
CA TRP C 237 -10.85 -20.96 -1.37
C TRP C 237 -10.75 -20.66 0.12
N GLN C 238 -9.88 -21.38 0.82
CA GLN C 238 -9.73 -21.19 2.26
C GLN C 238 -9.20 -19.82 2.63
N LEU C 239 -8.56 -19.12 1.69
CA LEU C 239 -7.92 -17.83 1.98
C LEU C 239 -8.61 -16.71 1.21
N THR C 240 -9.85 -16.92 0.80
CA THR C 240 -10.64 -15.91 0.08
C THR C 240 -11.90 -15.63 0.89
N PRO C 241 -12.09 -14.40 1.41
CA PRO C 241 -13.31 -14.10 2.18
C PRO C 241 -14.57 -14.61 1.50
N LEU C 242 -14.77 -14.27 0.23
CA LEU C 242 -15.93 -14.77 -0.50
C LEU C 242 -15.91 -16.28 -0.65
N GLY C 243 -14.76 -16.92 -0.47
CA GLY C 243 -14.69 -18.37 -0.44
C GLY C 243 -15.07 -19.05 -1.73
N ARG C 244 -14.54 -18.56 -2.86
CA ARG C 244 -14.78 -19.18 -4.15
C ARG C 244 -13.83 -18.55 -5.16
N GLU C 245 -13.97 -18.98 -6.42
CA GLU C 245 -13.20 -18.45 -7.53
C GLU C 245 -14.11 -17.61 -8.41
N GLY C 246 -13.68 -16.38 -8.70
CA GLY C 246 -14.48 -15.49 -9.51
C GLY C 246 -14.65 -15.99 -10.93
N LEU C 247 -15.74 -15.57 -11.55
CA LEU C 247 -16.06 -15.90 -12.93
C LEU C 247 -15.68 -14.75 -13.85
N THR C 248 -15.51 -15.07 -15.13
CA THR C 248 -15.14 -14.06 -16.12
C THR C 248 -16.22 -13.00 -16.31
N GLN C 249 -17.47 -13.29 -15.95
CA GLN C 249 -18.54 -12.31 -16.02
C GLN C 249 -18.54 -11.34 -14.85
N GLU C 250 -17.77 -11.61 -13.80
CA GLU C 250 -17.64 -10.72 -12.66
C GLU C 250 -16.50 -9.72 -12.84
N LEU C 251 -15.87 -9.70 -14.02
CA LEU C 251 -14.76 -8.80 -14.29
C LEU C 251 -15.15 -7.76 -15.34
N VAL C 252 -16.14 -8.09 -16.17
CA VAL C 252 -16.53 -7.19 -17.25
C VAL C 252 -17.04 -5.87 -16.68
N GLY C 253 -17.73 -5.92 -15.54
CA GLY C 253 -18.22 -4.68 -14.94
C GLY C 253 -17.09 -3.70 -14.64
N GLY C 254 -15.98 -4.21 -14.10
CA GLY C 254 -14.84 -3.37 -13.82
C GLY C 254 -14.10 -2.91 -15.07
N TYR C 255 -14.10 -3.73 -16.12
CA TYR C 255 -13.46 -3.36 -17.37
C TYR C 255 -14.25 -2.33 -18.17
N LEU C 256 -15.58 -2.44 -18.18
CA LEU C 256 -16.42 -1.45 -18.84
C LEU C 256 -16.53 -0.15 -18.07
N TYR C 257 -16.28 -0.17 -16.76
CA TYR C 257 -16.31 1.04 -15.95
C TYR C 257 -15.08 1.93 -16.14
N LEU C 258 -13.91 1.33 -16.39
CA LEU C 258 -12.69 2.09 -16.60
C LEU C 258 -12.45 2.44 -18.06
N ALA C 259 -13.27 1.94 -18.98
CA ALA C 259 -13.17 2.26 -20.40
C ALA C 259 -14.17 3.30 -20.86
N SER C 260 -15.32 3.41 -20.20
CA SER C 260 -16.36 4.34 -20.59
C SER C 260 -16.13 5.70 -19.94
N ASN C 261 -17.08 6.60 -20.14
CA ASN C 261 -17.00 7.94 -19.55
C ASN C 261 -17.38 7.97 -18.08
N ALA C 262 -17.84 6.85 -17.52
CA ALA C 262 -18.18 6.82 -16.11
C ALA C 262 -16.95 7.13 -15.25
N SER C 263 -15.81 6.54 -15.61
CA SER C 263 -14.56 6.80 -14.91
C SER C 263 -13.77 7.88 -15.64
N THR C 264 -14.35 9.06 -15.69
CA THR C 264 -13.70 10.21 -16.32
C THR C 264 -12.76 10.94 -15.39
N PHE C 265 -12.66 10.52 -14.13
CA PHE C 265 -11.72 11.09 -13.18
C PHE C 265 -10.79 10.04 -12.56
N THR C 266 -10.97 8.76 -12.86
CA THR C 266 -10.13 7.70 -12.32
C THR C 266 -8.93 7.53 -13.23
N THR C 267 -7.79 8.09 -12.81
CA THR C 267 -6.55 8.01 -13.56
C THR C 267 -5.47 7.39 -12.67
N GLY C 268 -4.78 6.40 -13.20
CA GLY C 268 -3.72 5.74 -12.45
C GLY C 268 -4.19 5.05 -11.19
N SER C 269 -5.39 4.49 -11.19
CA SER C 269 -5.93 3.79 -10.05
C SER C 269 -5.69 2.29 -10.20
N ASP C 270 -6.30 1.49 -9.32
CA ASP C 270 -6.15 0.05 -9.38
C ASP C 270 -7.42 -0.58 -8.80
N VAL C 271 -8.29 -1.06 -9.68
CA VAL C 271 -9.53 -1.72 -9.26
C VAL C 271 -9.20 -3.19 -9.01
N VAL C 272 -9.29 -3.61 -7.75
CA VAL C 272 -8.88 -4.95 -7.36
C VAL C 272 -10.12 -5.84 -7.24
N ILE C 273 -10.45 -6.55 -8.33
CA ILE C 273 -11.52 -7.53 -8.30
C ILE C 273 -10.93 -8.87 -7.88
N ASP C 274 -10.79 -9.07 -6.57
CA ASP C 274 -10.12 -10.25 -6.05
C ASP C 274 -11.00 -11.11 -5.15
N GLY C 275 -12.22 -10.68 -4.85
CA GLY C 275 -13.04 -11.37 -3.88
C GLY C 275 -12.63 -11.14 -2.45
N GLY C 276 -11.79 -10.14 -2.18
CA GLY C 276 -11.28 -9.90 -0.85
C GLY C 276 -10.04 -10.66 -0.48
N TYR C 277 -9.30 -11.20 -1.46
CA TYR C 277 -8.12 -11.99 -1.17
C TYR C 277 -7.00 -11.18 -0.55
N THR C 278 -6.79 -9.95 -0.99
CA THR C 278 -5.68 -9.13 -0.51
C THR C 278 -5.90 -8.58 0.89
N CYS C 279 -7.12 -8.69 1.43
CA CYS C 279 -7.42 -8.18 2.75
C CYS C 279 -6.81 -9.06 3.85
N PRO C 280 -7.08 -10.38 3.87
CA PRO C 280 -6.53 -11.25 4.90
C PRO C 280 -5.04 -11.02 5.15
N SER D 1 -17.05 -32.30 8.82
CA SER D 1 -16.92 -33.76 9.06
C SER D 1 -15.67 -34.30 8.37
N MET D 2 -15.82 -34.68 7.09
CA MET D 2 -14.72 -35.22 6.31
C MET D 2 -14.99 -34.97 4.83
N GLY D 3 -13.96 -34.52 4.12
CA GLY D 3 -14.04 -34.27 2.70
C GLY D 3 -14.40 -32.84 2.33
N GLU D 4 -14.95 -32.08 3.27
CA GLU D 4 -15.31 -30.69 3.02
C GLU D 4 -14.20 -29.75 3.48
N ILE D 5 -14.21 -28.54 2.93
CA ILE D 5 -13.19 -27.53 3.23
C ILE D 5 -13.84 -26.40 4.01
N GLU D 6 -13.21 -26.00 5.11
CA GLU D 6 -13.68 -24.92 5.95
C GLU D 6 -12.75 -23.72 5.81
N SER D 7 -13.34 -22.54 5.64
CA SER D 7 -12.57 -21.34 5.38
C SER D 7 -11.72 -20.96 6.59
N TYR D 8 -10.60 -20.30 6.31
CA TYR D 8 -9.75 -19.73 7.35
C TYR D 8 -10.20 -18.35 7.80
N CYS D 9 -10.76 -17.55 6.89
CA CYS D 9 -11.15 -16.19 7.23
C CYS D 9 -12.43 -16.17 8.06
N ASN D 10 -13.53 -16.67 7.49
CA ASN D 10 -14.82 -16.72 8.16
C ASN D 10 -15.35 -18.13 8.08
N LYS D 11 -15.45 -18.81 9.23
CA LYS D 11 -15.89 -20.19 9.26
C LYS D 11 -17.38 -20.36 8.97
N GLU D 12 -18.14 -19.27 8.90
CA GLU D 12 -19.56 -19.33 8.64
C GLU D 12 -19.90 -19.39 7.15
N LEU D 13 -18.89 -19.34 6.28
CA LEU D 13 -19.16 -19.43 4.84
C LEU D 13 -19.78 -20.77 4.49
N GLY D 14 -19.48 -21.81 5.26
CA GLY D 14 -20.00 -23.13 5.00
C GLY D 14 -18.98 -23.98 4.26
N PRO D 15 -19.42 -25.13 3.76
CA PRO D 15 -18.49 -26.01 3.02
C PRO D 15 -18.07 -25.39 1.69
N LEU D 16 -16.80 -25.00 1.61
CA LEU D 16 -16.32 -24.33 0.41
C LEU D 16 -16.27 -25.31 -0.77
N PRO D 17 -16.30 -24.80 -2.00
CA PRO D 17 -16.43 -23.39 -2.40
C PRO D 17 -17.87 -22.91 -2.36
N THR D 18 -18.10 -21.65 -2.02
CA THR D 18 -19.45 -21.10 -2.02
C THR D 18 -19.96 -20.96 -3.46
N LYS D 19 -21.22 -21.31 -3.67
CA LYS D 19 -21.81 -21.23 -5.00
C LYS D 19 -21.77 -19.80 -5.52
N ALA D 20 -21.36 -19.65 -6.77
CA ALA D 20 -21.29 -18.34 -7.37
C ALA D 20 -22.70 -17.81 -7.69
N PRO D 21 -22.90 -16.50 -7.63
CA PRO D 21 -24.23 -15.95 -7.90
C PRO D 21 -24.59 -16.02 -9.37
N THR D 22 -25.88 -15.92 -9.65
CA THR D 22 -26.41 -15.92 -11.01
C THR D 22 -26.39 -14.48 -11.51
N LEU D 23 -25.76 -14.26 -12.67
CA LEU D 23 -25.58 -12.94 -13.24
C LEU D 23 -26.16 -12.88 -14.64
N SER D 24 -26.62 -11.69 -15.02
CA SER D 24 -27.18 -11.51 -16.35
C SER D 24 -26.09 -11.74 -17.41
N LYS D 25 -26.53 -11.83 -18.67
CA LYS D 25 -25.63 -12.03 -19.79
C LYS D 25 -25.18 -10.74 -20.44
N ASN D 26 -26.04 -9.72 -20.46
CA ASN D 26 -25.68 -8.42 -21.02
C ASN D 26 -25.00 -7.58 -19.94
N VAL D 27 -23.87 -6.96 -20.30
CA VAL D 27 -23.11 -6.19 -19.33
C VAL D 27 -23.92 -4.99 -18.84
N LEU D 28 -24.61 -4.30 -19.75
CA LEU D 28 -25.33 -3.09 -19.36
C LEU D 28 -26.50 -3.37 -18.43
N ASP D 29 -27.01 -4.61 -18.40
CA ASP D 29 -28.09 -4.99 -17.52
C ASP D 29 -27.60 -5.38 -16.12
N LEU D 30 -26.29 -5.47 -15.93
CA LEU D 30 -25.73 -5.74 -14.62
C LEU D 30 -25.76 -4.53 -13.70
N PHE D 31 -25.61 -3.33 -14.27
CA PHE D 31 -25.55 -2.09 -13.50
C PHE D 31 -26.92 -1.61 -13.04
N SER D 32 -28.00 -2.22 -13.50
CA SER D 32 -29.35 -1.81 -13.15
C SER D 32 -29.66 -2.19 -11.71
N LEU D 33 -30.28 -1.25 -10.98
CA LEU D 33 -30.67 -1.47 -9.59
C LEU D 33 -32.17 -1.64 -9.44
N LYS D 34 -32.86 -2.09 -10.48
CA LYS D 34 -34.30 -2.24 -10.44
C LYS D 34 -34.72 -3.15 -9.29
N GLY D 35 -35.74 -2.74 -8.56
CA GLY D 35 -36.22 -3.51 -7.43
C GLY D 35 -35.26 -3.60 -6.28
N LYS D 36 -34.50 -2.54 -6.00
CA LYS D 36 -33.56 -2.51 -4.89
C LYS D 36 -33.71 -1.20 -4.14
N VAL D 37 -33.60 -1.26 -2.82
CA VAL D 37 -33.63 -0.08 -1.97
C VAL D 37 -32.19 0.30 -1.63
N ALA D 38 -31.86 1.59 -1.80
CA ALA D 38 -30.50 2.08 -1.61
C ALA D 38 -30.53 3.26 -0.64
N SER D 39 -30.25 2.99 0.64
CA SER D 39 -30.20 4.04 1.65
C SER D 39 -28.83 4.70 1.60
N VAL D 40 -28.79 5.97 1.24
CA VAL D 40 -27.55 6.72 1.10
C VAL D 40 -27.47 7.71 2.26
N THR D 41 -26.47 7.54 3.12
CA THR D 41 -26.27 8.43 4.25
C THR D 41 -25.70 9.76 3.79
N GLY D 42 -26.14 10.84 4.44
CA GLY D 42 -25.70 12.17 4.07
C GLY D 42 -26.04 12.52 2.65
N SER D 43 -27.28 12.22 2.24
CA SER D 43 -27.73 12.43 0.87
C SER D 43 -28.28 13.83 0.65
N SER D 44 -27.91 14.79 1.49
CA SER D 44 -28.32 16.19 1.35
C SER D 44 -27.11 17.10 1.19
N GLY D 45 -26.01 16.57 0.66
CA GLY D 45 -24.78 17.31 0.49
C GLY D 45 -24.39 17.37 -0.98
N GLY D 46 -23.08 17.29 -1.22
CA GLY D 46 -22.55 17.36 -2.56
C GLY D 46 -22.42 16.00 -3.22
N ILE D 47 -21.73 15.08 -2.56
CA ILE D 47 -21.55 13.73 -3.11
C ILE D 47 -22.75 12.83 -2.80
N GLY D 48 -23.39 13.00 -1.65
CA GLY D 48 -24.54 12.18 -1.31
C GLY D 48 -25.72 12.40 -2.22
N TRP D 49 -25.99 13.66 -2.55
CA TRP D 49 -27.10 13.96 -3.45
C TRP D 49 -26.87 13.41 -4.85
N ALA D 50 -25.64 13.52 -5.36
CA ALA D 50 -25.35 12.97 -6.68
C ALA D 50 -25.50 11.47 -6.70
N VAL D 51 -25.01 10.78 -5.66
CA VAL D 51 -25.14 9.33 -5.60
C VAL D 51 -26.60 8.91 -5.47
N ALA D 52 -27.39 9.64 -4.67
CA ALA D 52 -28.80 9.32 -4.55
C ALA D 52 -29.52 9.47 -5.89
N GLU D 53 -29.24 10.55 -6.62
CA GLU D 53 -29.87 10.74 -7.91
C GLU D 53 -29.43 9.65 -8.89
N ALA D 54 -28.14 9.31 -8.89
CA ALA D 54 -27.66 8.26 -9.79
C ALA D 54 -28.29 6.92 -9.47
N TYR D 55 -28.46 6.57 -8.20
CA TYR D 55 -29.17 5.36 -7.83
C TYR D 55 -30.64 5.40 -8.22
N ALA D 56 -31.29 6.56 -8.09
CA ALA D 56 -32.66 6.70 -8.54
C ALA D 56 -32.76 6.57 -10.06
N GLN D 57 -31.80 7.13 -10.78
CA GLN D 57 -31.81 7.01 -12.23
C GLN D 57 -31.70 5.56 -12.68
N ALA D 58 -31.10 4.71 -11.85
CA ALA D 58 -30.98 3.29 -12.13
C ALA D 58 -32.17 2.49 -11.61
N GLY D 59 -33.25 3.17 -11.23
CA GLY D 59 -34.44 2.49 -10.72
C GLY D 59 -34.23 1.88 -9.36
N ALA D 60 -34.00 2.72 -8.35
CA ALA D 60 -33.81 2.27 -6.98
C ALA D 60 -34.61 3.16 -6.04
N ASP D 61 -35.13 2.56 -4.97
CA ASP D 61 -35.87 3.30 -3.95
C ASP D 61 -34.87 3.88 -2.97
N VAL D 62 -34.41 5.09 -3.26
CA VAL D 62 -33.37 5.73 -2.46
C VAL D 62 -33.99 6.40 -1.25
N ALA D 63 -33.23 6.43 -0.15
CA ALA D 63 -33.66 7.06 1.09
C ALA D 63 -32.71 8.21 1.39
N ILE D 64 -33.26 9.42 1.54
CA ILE D 64 -32.43 10.60 1.77
C ILE D 64 -32.17 10.76 3.27
N TRP D 65 -30.97 11.26 3.59
CA TRP D 65 -30.58 11.54 4.96
C TRP D 65 -30.17 13.00 5.08
N TYR D 66 -30.48 13.62 6.21
CA TYR D 66 -30.02 14.97 6.49
C TYR D 66 -29.95 15.20 7.99
N ASN D 67 -29.17 16.20 8.40
CA ASN D 67 -29.01 16.51 9.81
C ASN D 67 -29.50 17.94 10.12
N SER D 68 -28.97 18.91 9.39
CA SER D 68 -29.30 20.32 9.63
C SER D 68 -29.73 21.07 8.39
N HIS D 69 -29.54 20.51 7.20
CA HIS D 69 -30.04 21.10 5.96
C HIS D 69 -31.25 20.29 5.50
N PRO D 70 -32.47 20.72 5.84
CA PRO D 70 -33.64 19.92 5.49
C PRO D 70 -33.68 19.62 3.99
N ALA D 71 -33.86 18.33 3.67
CA ALA D 71 -33.92 17.87 2.29
C ALA D 71 -35.18 17.01 2.15
N ASP D 72 -36.31 17.68 1.90
CA ASP D 72 -37.55 17.01 1.58
C ASP D 72 -38.03 17.32 0.16
N GLU D 73 -37.59 18.44 -0.41
CA GLU D 73 -37.80 18.68 -1.83
C GLU D 73 -36.88 17.85 -2.69
N LYS D 74 -35.75 17.40 -2.14
CA LYS D 74 -34.87 16.47 -2.85
C LYS D 74 -35.51 15.09 -2.95
N ALA D 75 -36.07 14.60 -1.85
CA ALA D 75 -36.74 13.31 -1.87
C ALA D 75 -37.96 13.34 -2.79
N GLU D 76 -38.75 14.43 -2.73
CA GLU D 76 -39.90 14.55 -3.61
C GLU D 76 -39.47 14.68 -5.07
N HIS D 77 -38.35 15.35 -5.34
CA HIS D 77 -37.87 15.48 -6.70
C HIS D 77 -37.50 14.13 -7.32
N LEU D 78 -37.07 13.17 -6.51
CA LEU D 78 -36.75 11.83 -7.01
C LEU D 78 -37.97 10.93 -7.12
N GLN D 79 -39.08 11.30 -6.49
CA GLN D 79 -40.31 10.51 -6.55
C GLN D 79 -41.25 10.97 -7.66
N LYS D 80 -40.89 12.02 -8.39
CA LYS D 80 -41.71 12.51 -9.49
C LYS D 80 -40.96 12.63 -10.81
N THR D 81 -39.62 12.59 -10.79
CA THR D 81 -38.85 12.62 -12.02
C THR D 81 -38.45 11.23 -12.51
N TYR D 82 -38.38 10.24 -11.62
CA TYR D 82 -38.01 8.88 -11.99
C TYR D 82 -39.01 7.83 -11.52
N GLY D 83 -40.02 8.19 -10.74
CA GLY D 83 -41.00 7.22 -10.29
C GLY D 83 -40.45 6.15 -9.38
N VAL D 84 -39.60 6.52 -8.43
CA VAL D 84 -39.00 5.59 -7.48
C VAL D 84 -39.35 6.06 -6.07
N HIS D 85 -39.86 5.16 -5.25
CA HIS D 85 -40.21 5.50 -3.88
C HIS D 85 -38.99 6.05 -3.14
N SER D 86 -39.18 7.17 -2.44
CA SER D 86 -38.10 7.81 -1.72
C SER D 86 -38.67 8.54 -0.51
N LYS D 87 -37.80 8.82 0.45
CA LYS D 87 -38.19 9.52 1.68
C LYS D 87 -36.94 10.15 2.27
N ALA D 88 -37.17 11.11 3.18
CA ALA D 88 -36.10 11.86 3.83
C ALA D 88 -36.17 11.64 5.32
N TYR D 89 -35.01 11.40 5.94
CA TYR D 89 -34.91 11.13 7.37
C TYR D 89 -33.89 12.07 8.00
N LYS D 90 -34.23 12.57 9.20
CA LYS D 90 -33.37 13.45 9.98
C LYS D 90 -32.71 12.61 11.06
N CYS D 91 -31.41 12.40 10.95
CA CYS D 91 -30.66 11.58 11.91
C CYS D 91 -29.34 12.25 12.23
N ASN D 92 -28.94 12.16 13.49
CA ASN D 92 -27.61 12.62 13.93
C ASN D 92 -26.69 11.40 13.93
N ILE D 93 -25.82 11.33 12.94
CA ILE D 93 -25.00 10.15 12.71
C ILE D 93 -24.12 9.87 13.92
N SER D 94 -23.80 10.92 14.69
CA SER D 94 -22.98 10.78 15.89
C SER D 94 -23.75 10.26 17.09
N ASP D 95 -25.06 10.07 16.96
CA ASP D 95 -25.88 9.56 18.06
C ASP D 95 -26.13 8.08 17.86
N PRO D 96 -25.59 7.20 18.72
CA PRO D 96 -25.78 5.75 18.49
C PRO D 96 -27.24 5.33 18.42
N LYS D 97 -28.11 5.91 19.25
CA LYS D 97 -29.51 5.49 19.27
C LYS D 97 -30.30 6.06 18.09
N SER D 98 -29.98 7.27 17.66
CA SER D 98 -30.70 7.86 16.54
C SER D 98 -30.50 7.07 15.26
N VAL D 99 -29.28 6.56 15.05
CA VAL D 99 -29.01 5.78 13.85
C VAL D 99 -29.86 4.52 13.82
N GLU D 100 -29.97 3.84 14.97
CA GLU D 100 -30.79 2.63 15.03
C GLU D 100 -32.25 2.95 14.73
N GLU D 101 -32.77 4.05 15.28
CA GLU D 101 -34.15 4.41 15.02
C GLU D 101 -34.37 4.75 13.55
N THR D 102 -33.43 5.48 12.94
CA THR D 102 -33.57 5.91 11.56
C THR D 102 -33.40 4.79 10.55
N ILE D 103 -32.66 3.73 10.90
CA ILE D 103 -32.51 2.58 10.02
C ILE D 103 -33.65 1.58 10.17
N SER D 104 -34.12 1.33 11.40
CA SER D 104 -35.29 0.48 11.58
C SER D 104 -36.54 1.11 10.99
N GLN D 105 -36.59 2.44 10.89
CA GLN D 105 -37.69 3.14 10.24
C GLN D 105 -37.59 3.12 8.73
N GLN D 106 -36.43 2.74 8.19
CA GLN D 106 -36.25 2.59 6.75
C GLN D 106 -36.52 1.18 6.25
N GLU D 107 -36.24 0.16 7.07
CA GLU D 107 -36.61 -1.21 6.75
C GLU D 107 -38.11 -1.45 6.83
N LYS D 108 -38.86 -0.49 7.37
CA LYS D 108 -40.31 -0.61 7.50
C LYS D 108 -41.07 0.08 6.38
N ASP D 109 -40.62 1.27 5.96
CA ASP D 109 -41.26 1.99 4.87
C ASP D 109 -40.83 1.49 3.49
N PHE D 110 -39.77 0.69 3.41
CA PHE D 110 -39.29 0.15 2.13
C PHE D 110 -39.30 -1.37 2.07
N GLY D 111 -39.48 -2.06 3.18
CA GLY D 111 -39.49 -3.52 3.18
C GLY D 111 -38.13 -4.11 3.47
N THR D 112 -37.09 -3.53 2.86
CA THR D 112 -35.74 -4.01 3.06
C THR D 112 -34.77 -2.97 2.51
N ILE D 113 -33.49 -3.15 2.84
CA ILE D 113 -32.42 -2.32 2.32
C ILE D 113 -31.42 -3.22 1.62
N ASP D 114 -31.11 -2.90 0.37
CA ASP D 114 -30.18 -3.70 -0.43
C ASP D 114 -28.88 -3.00 -0.74
N VAL D 115 -28.78 -1.69 -0.49
CA VAL D 115 -27.56 -0.94 -0.75
C VAL D 115 -27.44 0.17 0.28
N PHE D 116 -26.29 0.27 0.93
CA PHE D 116 -26.02 1.29 1.92
C PHE D 116 -24.75 2.04 1.57
N VAL D 117 -24.77 3.36 1.79
CA VAL D 117 -23.62 4.21 1.50
C VAL D 117 -23.37 5.12 2.69
N ALA D 118 -22.45 4.73 3.57
CA ALA D 118 -22.08 5.57 4.70
C ALA D 118 -21.22 6.73 4.21
N ASN D 119 -21.85 7.86 3.92
CA ASN D 119 -21.21 8.97 3.23
C ASN D 119 -21.57 10.28 3.95
N ALA D 120 -21.30 10.30 5.25
CA ALA D 120 -21.46 11.50 6.06
C ALA D 120 -20.20 11.75 6.87
N GLY D 121 -19.81 13.01 6.97
CA GLY D 121 -18.62 13.36 7.73
C GLY D 121 -18.37 14.85 7.67
N VAL D 122 -17.42 15.28 8.50
CA VAL D 122 -17.02 16.67 8.58
C VAL D 122 -15.50 16.75 8.43
N THR D 123 -15.02 17.91 8.01
CA THR D 123 -13.60 18.12 7.74
C THR D 123 -12.97 18.94 8.86
N TRP D 124 -11.66 18.77 9.02
CA TRP D 124 -10.88 19.46 10.05
C TRP D 124 -10.28 20.71 9.42
N THR D 125 -10.79 21.88 9.82
CA THR D 125 -10.35 23.14 9.25
C THR D 125 -9.77 24.05 10.32
N GLN D 126 -8.95 23.50 11.21
CA GLN D 126 -8.35 24.25 12.30
C GLN D 126 -6.83 24.36 12.20
N GLY D 127 -6.23 23.95 11.07
CA GLY D 127 -4.80 24.03 10.90
C GLY D 127 -4.09 22.90 11.63
N PRO D 128 -2.81 23.07 11.90
CA PRO D 128 -2.06 22.02 12.59
C PRO D 128 -2.67 21.72 13.95
N GLU D 129 -2.64 20.43 14.32
CA GLU D 129 -3.29 19.97 15.54
C GLU D 129 -2.52 20.35 16.80
N ILE D 130 -1.28 20.81 16.68
CA ILE D 130 -0.46 21.11 17.86
C ILE D 130 -0.77 22.52 18.37
N ASP D 131 -1.73 23.20 17.72
CA ASP D 131 -2.13 24.53 18.14
C ASP D 131 -3.44 24.57 18.90
N VAL D 132 -4.27 23.53 18.79
CA VAL D 132 -5.53 23.45 19.52
C VAL D 132 -5.29 22.71 20.83
N ASP D 133 -5.64 23.35 21.95
CA ASP D 133 -5.37 22.80 23.27
C ASP D 133 -6.57 22.09 23.88
N ASN D 134 -7.69 22.01 23.16
CA ASN D 134 -8.90 21.36 23.66
C ASN D 134 -9.20 20.14 22.79
N TYR D 135 -9.42 19.00 23.42
CA TYR D 135 -9.77 17.79 22.70
C TYR D 135 -11.25 17.74 22.39
N ASP D 136 -11.78 18.80 21.78
CA ASP D 136 -13.18 18.86 21.38
C ASP D 136 -13.36 18.83 19.87
N SER D 137 -12.44 19.42 19.12
CA SER D 137 -12.49 19.31 17.66
C SER D 137 -12.02 17.94 17.20
N TRP D 138 -11.00 17.39 17.86
CA TRP D 138 -10.58 16.02 17.57
C TRP D 138 -11.69 15.03 17.93
N ASN D 139 -12.32 15.21 19.09
CA ASN D 139 -13.38 14.29 19.50
C ASN D 139 -14.58 14.35 18.55
N LYS D 140 -14.83 15.49 17.92
CA LYS D 140 -15.93 15.61 16.97
C LYS D 140 -15.63 14.84 15.68
N ILE D 141 -14.40 14.95 15.17
CA ILE D 141 -14.05 14.24 13.95
C ILE D 141 -14.19 12.74 14.15
N ILE D 142 -13.67 12.22 15.27
CA ILE D 142 -13.74 10.79 15.55
C ILE D 142 -15.16 10.34 15.86
N SER D 143 -16.08 11.26 16.14
CA SER D 143 -17.47 10.93 16.44
C SER D 143 -18.36 10.88 15.22
N VAL D 144 -18.12 11.75 14.23
CA VAL D 144 -18.95 11.78 13.03
C VAL D 144 -18.33 10.97 11.89
N ASP D 145 -17.01 11.04 11.72
CA ASP D 145 -16.36 10.37 10.60
C ASP D 145 -16.13 8.89 10.85
N LEU D 146 -15.65 8.52 12.05
CA LEU D 146 -15.29 7.14 12.35
C LEU D 146 -16.39 6.42 13.14
N ASN D 147 -16.78 6.95 14.30
CA ASN D 147 -17.80 6.29 15.10
C ASN D 147 -19.13 6.26 14.37
N GLY D 148 -19.45 7.33 13.65
CA GLY D 148 -20.70 7.36 12.89
C GLY D 148 -20.76 6.26 11.85
N VAL D 149 -19.65 6.01 11.16
CA VAL D 149 -19.61 4.95 10.17
C VAL D 149 -19.82 3.59 10.81
N TYR D 150 -19.26 3.35 11.99
CA TYR D 150 -19.51 2.12 12.71
C TYR D 150 -20.96 1.98 13.15
N TYR D 151 -21.57 3.06 13.65
CA TYR D 151 -22.98 2.99 14.03
C TYR D 151 -23.85 2.67 12.82
N CYS D 152 -23.58 3.31 11.68
CA CYS D 152 -24.36 3.04 10.48
C CYS D 152 -24.14 1.62 9.99
N SER D 153 -22.89 1.15 10.00
CA SER D 153 -22.55 -0.15 9.46
C SER D 153 -22.77 -1.29 10.45
N HIS D 154 -23.04 -0.98 11.72
CA HIS D 154 -23.33 -2.03 12.70
C HIS D 154 -24.80 -2.41 12.73
N ASN D 155 -25.69 -1.48 12.36
CA ASN D 155 -27.12 -1.78 12.30
C ASN D 155 -27.53 -2.29 10.92
N ILE D 156 -26.92 -1.76 9.85
CA ILE D 156 -27.26 -2.22 8.52
C ILE D 156 -26.82 -3.66 8.33
N GLY D 157 -25.70 -4.07 8.92
CA GLY D 157 -25.27 -5.45 8.81
C GLY D 157 -26.29 -6.43 9.35
N LYS D 158 -26.98 -6.06 10.43
CA LYS D 158 -28.02 -6.93 10.98
C LYS D 158 -29.15 -7.14 9.99
N ILE D 159 -29.36 -6.19 9.08
CA ILE D 159 -30.39 -6.34 8.07
C ILE D 159 -29.90 -7.20 6.91
N PHE D 160 -28.63 -7.04 6.52
CA PHE D 160 -28.07 -7.87 5.47
C PHE D 160 -28.01 -9.33 5.86
N LYS D 161 -27.65 -9.62 7.12
CA LYS D 161 -27.52 -11.02 7.55
C LYS D 161 -28.83 -11.78 7.41
N LYS D 162 -29.94 -11.19 7.82
CA LYS D 162 -31.23 -11.86 7.69
C LYS D 162 -31.61 -12.05 6.22
N ASN D 163 -31.35 -11.04 5.39
CA ASN D 163 -31.66 -11.15 3.97
C ASN D 163 -30.66 -12.03 3.25
N GLY D 164 -29.41 -12.03 3.70
CA GLY D 164 -28.35 -12.79 3.06
C GLY D 164 -27.70 -12.10 1.88
N LYS D 165 -28.07 -10.85 1.59
CA LYS D 165 -27.50 -10.12 0.48
C LYS D 165 -27.42 -8.64 0.86
N GLY D 166 -26.51 -7.93 0.22
CA GLY D 166 -26.35 -6.51 0.48
C GLY D 166 -25.06 -6.00 -0.12
N SER D 167 -24.84 -4.70 0.09
CA SER D 167 -23.63 -4.04 -0.41
C SER D 167 -23.44 -2.76 0.37
N LEU D 168 -22.34 -2.66 1.11
CA LEU D 168 -22.02 -1.46 1.87
C LEU D 168 -20.88 -0.70 1.21
N ILE D 169 -21.04 0.62 1.13
CA ILE D 169 -20.08 1.48 0.45
C ILE D 169 -19.68 2.62 1.36
N ILE D 170 -18.54 2.49 2.04
CA ILE D 170 -18.06 3.55 2.90
C ILE D 170 -17.30 4.57 2.07
N THR D 171 -17.60 5.85 2.28
CA THR D 171 -16.99 6.94 1.52
C THR D 171 -15.84 7.51 2.36
N SER D 172 -14.69 6.86 2.26
CA SER D 172 -13.46 7.40 2.84
C SER D 172 -12.87 8.45 1.91
N SER D 173 -11.64 8.86 2.15
CA SER D 173 -10.98 9.83 1.30
C SER D 173 -9.56 9.38 1.01
N ILE D 174 -8.92 10.07 0.06
CA ILE D 174 -7.50 9.83 -0.18
C ILE D 174 -6.65 10.13 1.05
N SER D 175 -7.21 10.85 2.03
CA SER D 175 -6.54 11.07 3.30
C SER D 175 -6.30 9.78 4.06
N GLY D 176 -6.99 8.70 3.71
CA GLY D 176 -6.71 7.38 4.26
C GLY D 176 -5.55 6.68 3.59
N LYS D 177 -4.94 7.28 2.56
CA LYS D 177 -3.75 6.74 1.92
C LYS D 177 -2.60 7.73 1.84
N ILE D 178 -2.86 9.04 1.87
CA ILE D 178 -1.83 10.07 1.79
C ILE D 178 -2.10 11.10 2.89
N VAL D 179 -1.26 12.13 2.91
CA VAL D 179 -1.41 13.26 3.82
C VAL D 179 -1.56 14.51 2.96
N ASN D 180 -2.65 15.24 3.15
CA ASN D 180 -2.88 16.45 2.37
C ASN D 180 -1.74 17.43 2.56
N ILE D 181 -1.15 17.86 1.44
CA ILE D 181 0.10 18.62 1.47
C ILE D 181 -0.12 20.01 2.04
N PRO D 182 -0.89 20.88 1.38
CA PRO D 182 -0.96 22.27 1.85
C PRO D 182 -1.60 22.41 3.23
N GLN D 183 -2.81 21.91 3.41
CA GLN D 183 -3.47 21.96 4.70
C GLN D 183 -2.94 20.84 5.61
N LEU D 184 -2.97 21.10 6.92
CA LEU D 184 -2.49 20.15 7.92
C LEU D 184 -3.70 19.70 8.73
N GLN D 185 -4.22 18.52 8.40
CA GLN D 185 -5.41 17.95 9.04
C GLN D 185 -5.08 16.51 9.45
N ALA D 186 -4.50 16.35 10.63
CA ALA D 186 -4.14 15.02 11.11
C ALA D 186 -5.38 14.29 11.63
N PRO D 187 -6.24 14.94 12.41
CA PRO D 187 -7.45 14.25 12.88
C PRO D 187 -8.33 13.75 11.75
N TYR D 188 -8.41 14.47 10.64
CA TYR D 188 -9.23 14.03 9.52
C TYR D 188 -8.61 12.83 8.81
N ASN D 189 -7.30 12.87 8.58
CA ASN D 189 -6.62 11.74 7.94
C ASN D 189 -6.71 10.50 8.81
N THR D 190 -6.57 10.66 10.13
CA THR D 190 -6.64 9.51 11.02
C THR D 190 -8.01 8.84 10.97
N ALA D 191 -9.08 9.62 10.93
CA ALA D 191 -10.43 9.06 10.89
C ALA D 191 -10.74 8.38 9.57
N LYS D 192 -10.24 8.90 8.45
CA LYS D 192 -10.55 8.33 7.15
C LYS D 192 -9.79 7.02 6.90
N ALA D 193 -8.54 6.92 7.37
CA ALA D 193 -7.86 5.64 7.32
C ALA D 193 -8.58 4.61 8.17
N ALA D 194 -9.12 5.03 9.31
CA ALA D 194 -9.88 4.11 10.15
C ALA D 194 -11.08 3.57 9.40
N CYS D 195 -11.83 4.43 8.70
CA CYS D 195 -12.97 3.98 7.93
C CYS D 195 -12.53 3.07 6.78
N THR D 196 -11.45 3.44 6.10
CA THR D 196 -10.94 2.64 4.99
C THR D 196 -10.54 1.23 5.42
N HIS D 197 -9.93 1.08 6.58
CA HIS D 197 -9.55 -0.24 7.08
C HIS D 197 -10.73 -0.96 7.74
N LEU D 198 -11.69 -0.23 8.31
CA LEU D 198 -12.91 -0.85 8.81
C LEU D 198 -13.74 -1.46 7.71
N ALA D 199 -13.78 -0.82 6.53
CA ALA D 199 -14.47 -1.42 5.40
C ALA D 199 -13.85 -2.76 5.02
N LYS D 200 -12.52 -2.82 5.00
CA LYS D 200 -11.85 -4.09 4.71
C LYS D 200 -12.10 -5.11 5.80
N SER D 201 -12.04 -4.70 7.07
CA SER D 201 -12.25 -5.63 8.17
C SER D 201 -13.66 -6.22 8.16
N LEU D 202 -14.68 -5.40 7.90
CA LEU D 202 -16.04 -5.90 7.84
C LEU D 202 -16.26 -6.81 6.64
N ALA D 203 -15.44 -6.69 5.59
CA ALA D 203 -15.59 -7.57 4.43
C ALA D 203 -15.36 -9.03 4.79
N ILE D 204 -14.37 -9.32 5.63
CA ILE D 204 -14.12 -10.69 6.03
C ILE D 204 -15.29 -11.25 6.83
N GLU D 205 -15.86 -10.45 7.75
CA GLU D 205 -16.98 -10.90 8.57
C GLU D 205 -18.30 -10.93 7.82
N TRP D 206 -18.50 -10.02 6.87
CA TRP D 206 -19.73 -9.96 6.10
C TRP D 206 -19.66 -10.78 4.81
N ALA D 207 -18.57 -11.50 4.60
CA ALA D 207 -18.40 -12.29 3.39
C ALA D 207 -19.57 -13.24 3.17
N PRO D 208 -20.07 -13.92 4.21
CA PRO D 208 -21.16 -14.87 3.99
C PRO D 208 -22.39 -14.27 3.35
N PHE D 209 -22.75 -13.04 3.69
CA PHE D 209 -23.99 -12.43 3.20
C PHE D 209 -23.75 -11.19 2.35
N ALA D 210 -23.02 -10.20 2.86
CA ALA D 210 -22.93 -8.90 2.24
C ALA D 210 -21.52 -8.64 1.70
N ARG D 211 -21.34 -7.45 1.13
CA ARG D 211 -20.05 -6.99 0.62
C ARG D 211 -19.81 -5.57 1.12
N VAL D 212 -18.54 -5.25 1.33
CA VAL D 212 -18.14 -3.93 1.82
C VAL D 212 -17.01 -3.40 0.94
N ASN D 213 -17.13 -2.13 0.56
CA ASN D 213 -16.13 -1.50 -0.31
C ASN D 213 -16.00 -0.04 0.06
N THR D 214 -15.02 0.62 -0.58
CA THR D 214 -14.73 2.03 -0.34
C THR D 214 -14.62 2.76 -1.67
N ILE D 215 -15.01 4.04 -1.66
CA ILE D 215 -15.06 4.86 -2.85
C ILE D 215 -14.18 6.08 -2.65
N SER D 216 -13.05 5.91 -1.96
CA SER D 216 -12.18 7.01 -1.58
C SER D 216 -12.00 8.00 -2.74
N PRO D 217 -12.56 9.20 -2.66
CA PRO D 217 -12.37 10.18 -3.74
C PRO D 217 -11.15 11.06 -3.51
N GLY D 218 -10.91 11.94 -4.47
CA GLY D 218 -9.85 12.91 -4.37
C GLY D 218 -10.38 14.28 -3.95
N TYR D 219 -9.99 15.31 -4.69
CA TYR D 219 -10.44 16.67 -4.39
C TYR D 219 -11.65 17.02 -5.25
N ILE D 220 -12.78 16.42 -4.87
CA ILE D 220 -14.03 16.67 -5.59
C ILE D 220 -14.49 18.10 -5.34
N ASP D 221 -15.23 18.64 -6.30
CA ASP D 221 -15.72 20.02 -6.22
C ASP D 221 -17.11 20.02 -5.59
N THR D 222 -17.13 19.96 -4.26
CA THR D 222 -18.34 20.01 -3.47
C THR D 222 -18.26 21.19 -2.50
N ASP D 223 -19.29 21.33 -1.67
CA ASP D 223 -19.32 22.41 -0.69
C ASP D 223 -18.23 22.30 0.35
N ILE D 224 -17.62 21.13 0.51
CA ILE D 224 -16.56 20.94 1.49
C ILE D 224 -15.29 21.67 1.10
N THR D 225 -14.89 21.57 -0.17
CA THR D 225 -13.64 22.15 -0.64
C THR D 225 -13.82 23.55 -1.22
N ASP D 226 -15.04 24.06 -1.27
CA ASP D 226 -15.27 25.41 -1.79
C ASP D 226 -15.23 26.45 -0.68
N PHE D 227 -14.18 26.37 0.15
CA PHE D 227 -13.90 27.40 1.14
C PHE D 227 -12.40 27.71 1.18
N ALA D 228 -11.59 26.76 0.72
CA ALA D 228 -10.14 26.92 0.79
C ALA D 228 -9.68 28.08 -0.08
N SER D 229 -8.66 28.79 0.39
CA SER D 229 -8.12 29.92 -0.35
C SER D 229 -7.59 29.45 -1.70
N LYS D 230 -7.73 30.32 -2.71
CA LYS D 230 -7.24 29.99 -4.04
C LYS D 230 -5.75 29.66 -4.02
N ASP D 231 -4.99 30.24 -3.09
CA ASP D 231 -3.60 29.83 -2.91
C ASP D 231 -3.50 28.37 -2.50
N MET D 232 -4.34 27.93 -1.57
CA MET D 232 -4.39 26.52 -1.19
C MET D 232 -4.91 25.67 -2.33
N LYS D 233 -5.98 26.11 -3.00
CA LYS D 233 -6.55 25.37 -4.12
C LYS D 233 -5.64 25.33 -5.33
N ALA D 234 -4.68 26.25 -5.44
CA ALA D 234 -3.72 26.22 -6.51
C ALA D 234 -2.68 25.12 -6.35
N LYS D 235 -2.35 24.75 -5.12
CA LYS D 235 -1.43 23.65 -4.87
C LYS D 235 -2.07 22.28 -5.06
N TRP D 236 -3.40 22.20 -5.05
CA TRP D 236 -4.11 20.98 -5.37
C TRP D 236 -4.06 20.64 -6.85
N TRP D 237 -4.22 21.64 -7.72
CA TRP D 237 -4.13 21.41 -9.15
C TRP D 237 -2.71 21.06 -9.58
N GLN D 238 -1.72 21.72 -8.99
CA GLN D 238 -0.33 21.48 -9.34
C GLN D 238 0.14 20.06 -9.02
N LEU D 239 -0.51 19.39 -8.06
CA LEU D 239 -0.10 18.05 -7.64
C LEU D 239 -1.07 16.98 -8.11
N THR D 240 -2.03 17.34 -8.95
CA THR D 240 -2.99 16.38 -9.51
C THR D 240 -2.62 16.12 -10.96
N PRO D 241 -2.26 14.88 -11.34
CA PRO D 241 -1.87 14.63 -12.74
C PRO D 241 -2.89 15.14 -13.75
N LEU D 242 -4.17 14.91 -13.48
CA LEU D 242 -5.21 15.44 -14.35
C LEU D 242 -5.29 16.95 -14.28
N GLY D 243 -4.72 17.58 -13.25
CA GLY D 243 -4.63 19.02 -13.17
C GLY D 243 -5.97 19.72 -13.08
N ARG D 244 -6.85 19.24 -12.21
CA ARG D 244 -8.14 19.90 -11.97
C ARG D 244 -8.78 19.25 -10.75
N GLU D 245 -9.99 19.71 -10.44
CA GLU D 245 -10.79 19.17 -9.36
C GLU D 245 -11.96 18.39 -9.94
N GLY D 246 -12.15 17.16 -9.48
CA GLY D 246 -13.21 16.33 -9.99
C GLY D 246 -14.58 16.85 -9.65
N LEU D 247 -15.55 16.49 -10.46
CA LEU D 247 -16.94 16.87 -10.27
C LEU D 247 -17.72 15.73 -9.63
N THR D 248 -18.87 16.08 -9.05
CA THR D 248 -19.71 15.10 -8.39
C THR D 248 -20.31 14.09 -9.36
N GLN D 249 -20.35 14.40 -10.66
CA GLN D 249 -20.83 13.47 -11.67
C GLN D 249 -19.78 12.47 -12.10
N GLU D 250 -18.52 12.67 -11.69
CA GLU D 250 -17.44 11.75 -11.98
C GLU D 250 -17.27 10.69 -10.90
N LEU D 251 -18.16 10.68 -9.90
CA LEU D 251 -18.09 9.72 -8.81
C LEU D 251 -19.26 8.74 -8.86
N VAL D 252 -20.35 9.16 -9.51
CA VAL D 252 -21.55 8.32 -9.55
C VAL D 252 -21.24 6.99 -10.24
N GLY D 253 -20.41 7.02 -11.28
CA GLY D 253 -20.05 5.78 -11.96
C GLY D 253 -19.42 4.77 -11.02
N GLY D 254 -18.50 5.24 -10.18
CA GLY D 254 -17.88 4.36 -9.19
C GLY D 254 -18.85 3.88 -8.13
N TYR D 255 -19.77 4.74 -7.69
CA TYR D 255 -20.74 4.36 -6.67
C TYR D 255 -21.80 3.40 -7.18
N LEU D 256 -22.25 3.56 -8.42
CA LEU D 256 -23.20 2.63 -9.02
C LEU D 256 -22.56 1.31 -9.42
N TYR D 257 -21.25 1.29 -9.63
CA TYR D 257 -20.54 0.06 -9.97
C TYR D 257 -20.35 -0.86 -8.78
N LEU D 258 -20.16 -0.31 -7.58
CA LEU D 258 -19.98 -1.11 -6.38
C LEU D 258 -21.29 -1.43 -5.66
N ALA D 259 -22.41 -0.87 -6.12
CA ALA D 259 -23.72 -1.16 -5.55
C ALA D 259 -24.53 -2.14 -6.37
N SER D 260 -24.29 -2.22 -7.67
CA SER D 260 -25.05 -3.10 -8.55
C SER D 260 -24.41 -4.49 -8.58
N ASN D 261 -24.95 -5.35 -9.43
CA ASN D 261 -24.45 -6.71 -9.59
C ASN D 261 -23.18 -6.76 -10.45
N ALA D 262 -22.77 -5.64 -11.04
CA ALA D 262 -21.55 -5.63 -11.84
C ALA D 262 -20.35 -6.02 -10.98
N SER D 263 -20.28 -5.47 -9.77
CA SER D 263 -19.19 -5.79 -8.84
C SER D 263 -19.67 -6.88 -7.87
N THR D 264 -19.96 -8.05 -8.44
CA THR D 264 -20.39 -9.19 -7.65
C THR D 264 -19.21 -9.99 -7.09
N PHE D 265 -17.98 -9.60 -7.41
CA PHE D 265 -16.79 -10.23 -6.87
C PHE D 265 -15.85 -9.25 -6.19
N THR D 266 -16.15 -7.95 -6.21
CA THR D 266 -15.31 -6.94 -5.57
C THR D 266 -15.75 -6.79 -4.12
N THR D 267 -14.99 -7.40 -3.21
CA THR D 267 -15.28 -7.35 -1.78
C THR D 267 -14.05 -6.82 -1.05
N GLY D 268 -14.26 -5.84 -0.18
CA GLY D 268 -13.16 -5.27 0.57
C GLY D 268 -12.10 -4.60 -0.28
N SER D 269 -12.50 -3.98 -1.39
CA SER D 269 -11.59 -3.28 -2.27
C SER D 269 -11.59 -1.79 -1.94
N ASP D 270 -10.95 -1.00 -2.80
CA ASP D 270 -10.90 0.45 -2.59
C ASP D 270 -10.76 1.10 -3.97
N VAL D 271 -11.87 1.64 -4.49
CA VAL D 271 -11.86 2.34 -5.76
C VAL D 271 -11.44 3.79 -5.50
N VAL D 272 -10.28 4.17 -6.00
CA VAL D 272 -9.71 5.49 -5.72
C VAL D 272 -9.98 6.42 -6.88
N ILE D 273 -11.07 7.18 -6.82
CA ILE D 273 -11.36 8.21 -7.81
C ILE D 273 -10.70 9.50 -7.36
N ASP D 274 -9.41 9.65 -7.67
CA ASP D 274 -8.62 10.78 -7.19
C ASP D 274 -8.06 11.65 -8.29
N GLY D 275 -8.19 11.24 -9.55
CA GLY D 275 -7.54 11.95 -10.63
C GLY D 275 -6.06 11.68 -10.74
N GLY D 276 -5.54 10.68 -10.04
CA GLY D 276 -4.13 10.40 -10.02
C GLY D 276 -3.34 11.08 -8.92
N TYR D 277 -4.01 11.64 -7.91
CA TYR D 277 -3.32 12.36 -6.86
C TYR D 277 -2.43 11.47 -6.01
N THR D 278 -2.84 10.23 -5.76
CA THR D 278 -2.07 9.33 -4.91
C THR D 278 -0.89 8.68 -5.63
N CYS D 279 -0.77 8.86 -6.93
CA CYS D 279 0.33 8.26 -7.69
C CYS D 279 1.64 9.02 -7.45
N PRO D 280 1.67 10.35 -7.62
CA PRO D 280 2.91 11.09 -7.36
C PRO D 280 3.53 10.77 -6.01
#